data_8UTF
#
_entry.id   8UTF
#
_cell.length_a   1.00
_cell.length_b   1.00
_cell.length_c   1.00
_cell.angle_alpha   90.00
_cell.angle_beta   90.00
_cell.angle_gamma   90.00
#
_symmetry.space_group_name_H-M   'P 1'
#
loop_
_entity.id
_entity.type
_entity.pdbx_description
1 polymer 'Fusion glycoprotein F0'
2 polymer 'Fusion glycoprotein F0'
3 non-polymer 2-acetamido-2-deoxy-beta-D-glucopyranose
4 water water
#
loop_
_entity_poly.entity_id
_entity_poly.type
_entity_poly.pdbx_seq_one_letter_code
_entity_poly.pdbx_strand_id
1 'polypeptide(L)'
;MGLKVNVSAIFMAVLLTLQTPTGQIHWGNLSKIGVVGIGSASYKVMTRSSHQSLVIKLMPNITLLNNCTRVEIAEYRRLL
RTVLEPIRDALNAMTQNIRPVQSVASSRRHKR
;
A,B,C
2 'polypeptide(L)'
;FAGVVLAGAALGVATAAQITAGIALHQSMLNSQAIDNLRASLETTNQAIEAIRQAGQGMILAVQGVQDYINNELIPSMNQ
LSCDLIGQKLGLKLLRYYTEILSLFGPSLRDPISAEISIQALSYALGGDINKVLEKLGYSGGDLLGILESRGIKARITHV
DTESYFIVLSIAYPTLSEIKGVIVHRLEGVSYNIGSQEWYTTVPKYVATQGYLISNFDESSCTFMPEGTVCSQNALYPMS
PLLQECLRGSTKSCARTLVSGSFGNRFILSQGNLIANCASILCKCYTTGTIINQDPDKILTYIAADHCPVVEVNGVTIQV
GSRRYPDAVYLHRIDLGPPISLGRLDVGTNLGNAIAKLEDAKELLESSDQILRSMKGLSSTSIGVDDDDKAGWSHPQFEK
GGGSGGGSGGGSWSHPQFEK
;
a,b,c
#
# COMPACT_ATOMS: atom_id res chain seq x y z
N GLN A 24 -21.34 -30.87 34.74
CA GLN A 24 -20.33 -30.33 33.83
C GLN A 24 -19.66 -31.45 33.05
N ILE A 25 -18.61 -31.12 32.31
CA ILE A 25 -17.91 -32.10 31.48
C ILE A 25 -16.86 -32.81 32.33
N HIS A 26 -16.87 -34.14 32.30
CA HIS A 26 -15.92 -34.95 33.05
C HIS A 26 -14.70 -35.19 32.17
N TRP A 27 -13.72 -34.30 32.29
CA TRP A 27 -12.54 -34.38 31.44
C TRP A 27 -11.66 -35.57 31.77
N GLY A 28 -11.72 -36.08 33.00
CA GLY A 28 -10.95 -37.27 33.33
C GLY A 28 -11.44 -38.51 32.60
N ASN A 29 -12.76 -38.70 32.54
CA ASN A 29 -13.30 -39.89 31.88
C ASN A 29 -13.18 -39.80 30.37
N LEU A 30 -13.29 -38.60 29.81
CA LEU A 30 -13.20 -38.44 28.36
C LEU A 30 -11.78 -38.64 27.85
N SER A 31 -10.77 -38.49 28.69
CA SER A 31 -9.40 -38.77 28.26
C SER A 31 -9.16 -40.25 28.09
N LYS A 32 -9.87 -41.08 28.84
CA LYS A 32 -9.75 -42.53 28.70
C LYS A 32 -10.32 -43.05 27.39
N ILE A 33 -11.06 -42.22 26.65
CA ILE A 33 -11.58 -42.62 25.35
C ILE A 33 -11.04 -41.72 24.23
N GLY A 34 -9.90 -41.09 24.46
CA GLY A 34 -9.21 -40.35 23.42
C GLY A 34 -9.73 -38.96 23.16
N VAL A 35 -10.67 -38.46 23.96
CA VAL A 35 -11.23 -37.12 23.78
C VAL A 35 -10.52 -36.17 24.75
N VAL A 36 -9.97 -35.09 24.21
CA VAL A 36 -9.29 -34.07 25.00
C VAL A 36 -9.85 -32.71 24.65
N GLY A 37 -9.78 -31.79 25.61
CA GLY A 37 -10.18 -30.42 25.40
C GLY A 37 -8.97 -29.54 25.17
N ILE A 38 -8.96 -28.84 24.04
CA ILE A 38 -7.79 -28.08 23.60
C ILE A 38 -8.07 -26.58 23.55
N GLY A 39 -9.08 -26.12 24.27
CA GLY A 39 -9.38 -24.70 24.27
C GLY A 39 -10.55 -24.39 25.18
N SER A 40 -10.78 -23.10 25.38
CA SER A 40 -11.88 -22.59 26.18
C SER A 40 -11.98 -21.09 25.96
N ALA A 41 -13.21 -20.60 25.80
CA ALA A 41 -13.41 -19.19 25.54
C ALA A 41 -14.84 -18.80 25.93
N SER A 42 -15.05 -17.50 26.08
CA SER A 42 -16.39 -16.97 26.31
C SER A 42 -17.12 -16.81 24.97
N TYR A 43 -18.42 -16.59 25.06
CA TYR A 43 -19.28 -16.50 23.87
C TYR A 43 -19.85 -15.10 23.76
N LYS A 44 -19.63 -14.46 22.62
CA LYS A 44 -20.18 -13.15 22.31
C LYS A 44 -20.78 -13.17 20.92
N VAL A 45 -22.01 -12.67 20.79
CA VAL A 45 -22.75 -12.70 19.54
C VAL A 45 -22.96 -11.27 19.06
N MET A 46 -22.80 -11.08 17.75
CA MET A 46 -22.90 -9.75 17.15
C MET A 46 -24.34 -9.29 17.04
N THR A 47 -24.56 -8.01 17.30
CA THR A 47 -25.88 -7.37 17.22
C THR A 47 -25.83 -6.27 16.17
N ARG A 48 -26.89 -5.44 16.16
CA ARG A 48 -27.00 -4.37 15.17
C ARG A 48 -25.78 -3.47 15.20
N SER A 49 -25.25 -3.17 14.00
CA SER A 49 -24.01 -2.43 13.87
C SER A 49 -24.26 -0.93 13.84
N SER A 50 -23.26 -0.17 14.29
CA SER A 50 -23.29 1.27 14.22
C SER A 50 -22.76 1.75 12.87
N HIS A 51 -22.87 3.04 12.62
CA HIS A 51 -22.49 3.59 11.33
C HIS A 51 -21.88 4.97 11.50
N GLN A 52 -20.87 5.27 10.70
CA GLN A 52 -20.25 6.59 10.69
C GLN A 52 -19.75 6.89 9.28
N SER A 53 -19.79 8.16 8.90
CA SER A 53 -19.32 8.63 7.62
C SER A 53 -18.01 9.39 7.80
N LEU A 54 -17.00 9.02 7.02
CA LEU A 54 -15.70 9.68 7.03
C LEU A 54 -15.44 10.27 5.66
N VAL A 55 -15.13 11.56 5.60
CA VAL A 55 -14.85 12.26 4.36
C VAL A 55 -13.36 12.51 4.28
N ILE A 56 -12.71 11.95 3.26
CA ILE A 56 -11.29 12.12 3.04
C ILE A 56 -11.11 13.11 1.90
N LYS A 57 -10.53 14.28 2.21
CA LYS A 57 -10.22 15.27 1.19
C LYS A 57 -8.82 14.99 0.66
N LEU A 58 -8.75 14.44 -0.55
CA LEU A 58 -7.47 14.07 -1.13
C LEU A 58 -6.73 15.24 -1.78
N MET A 59 -7.38 16.39 -1.92
CA MET A 59 -6.73 17.58 -2.47
C MET A 59 -6.61 18.63 -1.38
N PRO A 60 -5.44 18.81 -0.77
CA PRO A 60 -5.30 19.75 0.33
C PRO A 60 -5.49 21.20 -0.14
N ASN A 61 -5.86 22.04 0.82
CA ASN A 61 -6.16 23.44 0.54
C ASN A 61 -4.86 24.22 0.41
N ILE A 62 -4.56 24.68 -0.80
CA ILE A 62 -3.34 25.42 -1.10
C ILE A 62 -3.72 26.88 -1.34
N THR A 63 -2.97 27.79 -0.73
CA THR A 63 -3.35 29.20 -0.68
C THR A 63 -2.76 30.02 -1.83
N LEU A 64 -1.45 29.91 -2.06
CA LEU A 64 -0.80 30.78 -3.04
C LEU A 64 -1.34 30.53 -4.44
N LEU A 65 -1.14 29.33 -4.97
CA LEU A 65 -1.62 28.97 -6.31
C LEU A 65 -1.10 29.93 -7.38
N ASN A 66 0.18 30.29 -7.29
CA ASN A 66 0.77 31.23 -8.24
C ASN A 66 1.11 30.49 -9.53
N ASN A 67 1.85 31.16 -10.41
CA ASN A 67 2.18 30.57 -11.71
C ASN A 67 3.27 29.52 -11.62
N CYS A 68 4.05 29.51 -10.52
CA CYS A 68 5.03 28.46 -10.33
C CYS A 68 4.36 27.12 -10.03
N THR A 69 3.29 27.15 -9.25
CA THR A 69 2.57 25.94 -8.84
C THR A 69 1.34 25.72 -9.74
N ARG A 70 1.61 25.51 -11.03
CA ARG A 70 0.56 25.20 -12.00
C ARG A 70 0.69 23.81 -12.57
N VAL A 71 1.86 23.48 -13.13
CA VAL A 71 2.07 22.14 -13.68
C VAL A 71 2.16 21.09 -12.58
N GLU A 72 2.62 21.48 -11.39
CA GLU A 72 2.77 20.51 -10.32
C GLU A 72 1.42 20.11 -9.74
N ILE A 73 0.49 21.06 -9.62
CA ILE A 73 -0.85 20.72 -9.13
C ILE A 73 -1.59 19.88 -10.16
N ALA A 74 -1.40 20.18 -11.45
CA ALA A 74 -2.06 19.40 -12.49
C ALA A 74 -1.57 17.96 -12.51
N GLU A 75 -0.27 17.74 -12.30
CA GLU A 75 0.26 16.39 -12.27
C GLU A 75 -0.25 15.61 -11.07
N TYR A 76 -0.47 16.27 -9.93
CA TYR A 76 -1.08 15.62 -8.78
C TYR A 76 -2.52 15.25 -9.07
N ARG A 77 -3.26 16.13 -9.74
CA ARG A 77 -4.65 15.85 -10.09
C ARG A 77 -4.76 14.70 -11.07
N ARG A 78 -3.78 14.55 -11.96
CA ARG A 78 -3.77 13.40 -12.87
C ARG A 78 -3.56 12.11 -12.10
N LEU A 79 -2.73 12.13 -11.05
CA LEU A 79 -2.58 10.98 -10.18
C LEU A 79 -3.88 10.65 -9.47
N LEU A 80 -4.60 11.68 -9.03
CA LEU A 80 -5.86 11.46 -8.33
C LEU A 80 -6.91 10.82 -9.24
N ARG A 81 -6.97 11.26 -10.50
CA ARG A 81 -7.95 10.70 -11.43
C ARG A 81 -7.65 9.26 -11.77
N THR A 82 -6.37 8.87 -11.82
CA THR A 82 -6.04 7.47 -12.07
C THR A 82 -6.62 6.57 -10.99
N VAL A 83 -6.72 7.06 -9.76
CA VAL A 83 -7.25 6.28 -8.65
C VAL A 83 -8.74 6.49 -8.48
N LEU A 84 -9.19 7.74 -8.46
CA LEU A 84 -10.56 8.05 -8.06
C LEU A 84 -11.57 7.74 -9.16
N GLU A 85 -11.21 8.00 -10.43
CA GLU A 85 -12.17 7.84 -11.51
C GLU A 85 -12.69 6.41 -11.68
N PRO A 86 -11.86 5.36 -11.64
CA PRO A 86 -12.42 4.00 -11.68
C PRO A 86 -13.38 3.71 -10.55
N ILE A 87 -13.18 4.30 -9.36
CA ILE A 87 -14.08 4.06 -8.25
C ILE A 87 -15.46 4.66 -8.54
N ARG A 88 -15.49 5.90 -9.03
CA ARG A 88 -16.77 6.54 -9.32
C ARG A 88 -17.51 5.83 -10.43
N ASP A 89 -16.79 5.40 -11.48
CA ASP A 89 -17.43 4.72 -12.59
C ASP A 89 -18.00 3.38 -12.15
N ALA A 90 -17.28 2.64 -11.31
CA ALA A 90 -17.79 1.37 -10.81
C ALA A 90 -18.99 1.58 -9.90
N LEU A 91 -18.96 2.63 -9.08
CA LEU A 91 -20.09 2.92 -8.20
C LEU A 91 -21.35 3.25 -9.00
N ASN A 92 -21.19 4.04 -10.06
CA ASN A 92 -22.34 4.40 -10.88
C ASN A 92 -22.90 3.20 -11.64
N ALA A 93 -22.02 2.30 -12.08
CA ALA A 93 -22.48 1.14 -12.85
C ALA A 93 -23.15 0.10 -11.95
N MET A 94 -22.60 -0.12 -10.76
CA MET A 94 -23.13 -1.14 -9.86
C MET A 94 -24.29 -0.65 -9.01
N THR A 95 -24.62 0.64 -9.08
CA THR A 95 -25.72 1.19 -8.29
C THR A 95 -26.67 1.98 -9.17
N GLN B 24 -7.99 -47.98 -2.32
CA GLN B 24 -8.47 -48.80 -3.42
C GLN B 24 -9.92 -48.47 -3.81
N ILE B 25 -10.20 -47.18 -3.96
CA ILE B 25 -11.51 -46.75 -4.41
C ILE B 25 -11.70 -47.19 -5.86
N HIS B 26 -12.84 -47.85 -6.14
CA HIS B 26 -13.14 -48.36 -7.48
C HIS B 26 -13.86 -47.26 -8.22
N TRP B 27 -13.12 -46.51 -9.04
CA TRP B 27 -13.68 -45.35 -9.73
C TRP B 27 -14.56 -45.73 -10.91
N GLY B 28 -14.49 -46.98 -11.38
CA GLY B 28 -15.34 -47.42 -12.46
C GLY B 28 -16.77 -47.63 -12.02
N ASN B 29 -16.97 -48.47 -11.00
CA ASN B 29 -18.32 -48.71 -10.49
C ASN B 29 -18.91 -47.45 -9.88
N LEU B 30 -18.07 -46.61 -9.29
CA LEU B 30 -18.55 -45.45 -8.55
C LEU B 30 -19.03 -44.34 -9.47
N SER B 31 -18.61 -44.32 -10.73
CA SER B 31 -19.10 -43.33 -11.68
C SER B 31 -20.42 -43.72 -12.30
N LYS B 32 -20.83 -44.99 -12.18
CA LYS B 32 -22.14 -45.41 -12.65
C LYS B 32 -23.26 -44.96 -11.73
N ILE B 33 -22.94 -44.44 -10.55
CA ILE B 33 -23.92 -43.88 -9.64
C ILE B 33 -23.73 -42.38 -9.46
N GLY B 34 -23.08 -41.72 -10.42
CA GLY B 34 -22.97 -40.28 -10.42
C GLY B 34 -21.87 -39.71 -9.57
N VAL B 35 -21.00 -40.54 -9.00
CA VAL B 35 -19.92 -40.06 -8.15
C VAL B 35 -18.64 -40.05 -8.96
N VAL B 36 -17.97 -38.89 -9.00
CA VAL B 36 -16.71 -38.75 -9.70
C VAL B 36 -15.71 -38.09 -8.76
N GLY B 37 -14.42 -38.31 -9.04
CA GLY B 37 -13.35 -37.71 -8.29
C GLY B 37 -12.73 -36.58 -9.07
N ILE B 38 -12.72 -35.38 -8.49
CA ILE B 38 -12.30 -34.18 -9.18
C ILE B 38 -11.00 -33.62 -8.59
N GLY B 39 -10.26 -34.43 -7.84
CA GLY B 39 -9.02 -33.95 -7.26
C GLY B 39 -8.26 -35.06 -6.58
N SER B 40 -7.02 -34.73 -6.20
CA SER B 40 -6.13 -35.63 -5.50
C SER B 40 -4.96 -34.83 -4.97
N ALA B 41 -4.57 -35.09 -3.73
CA ALA B 41 -3.48 -34.33 -3.11
C ALA B 41 -2.91 -35.15 -1.95
N SER B 42 -1.72 -34.74 -1.53
CA SER B 42 -1.09 -35.32 -0.34
C SER B 42 -1.64 -34.63 0.91
N TYR B 43 -1.22 -35.10 2.08
CA TYR B 43 -1.72 -34.62 3.35
C TYR B 43 -0.55 -34.16 4.21
N LYS B 44 -0.60 -32.91 4.66
CA LYS B 44 0.40 -32.34 5.56
C LYS B 44 -0.31 -31.59 6.67
N VAL B 45 0.05 -31.88 7.92
CA VAL B 45 -0.58 -31.28 9.09
C VAL B 45 0.42 -30.36 9.77
N MET B 46 -0.07 -29.25 10.29
CA MET B 46 0.78 -28.22 10.89
C MET B 46 1.17 -28.60 12.31
N THR B 47 2.48 -28.55 12.58
CA THR B 47 3.03 -28.78 13.90
C THR B 47 3.42 -27.44 14.53
N ARG B 48 4.15 -27.50 15.65
CA ARG B 48 4.52 -26.30 16.38
C ARG B 48 5.28 -25.32 15.50
N SER B 49 4.93 -24.03 15.62
CA SER B 49 5.47 -22.99 14.78
C SER B 49 6.78 -22.44 15.34
N SER B 50 7.63 -21.96 14.44
CA SER B 50 8.86 -21.27 14.80
C SER B 50 8.58 -19.77 14.97
N HIS B 51 9.60 -19.05 15.44
CA HIS B 51 9.42 -17.64 15.73
C HIS B 51 10.70 -16.87 15.40
N GLN B 52 10.52 -15.64 14.93
CA GLN B 52 11.64 -14.73 14.68
C GLN B 52 11.19 -13.31 15.00
N SER B 53 12.17 -12.47 15.31
CA SER B 53 11.94 -11.05 15.57
C SER B 53 12.63 -10.23 14.50
N LEU B 54 11.87 -9.34 13.86
CA LEU B 54 12.39 -8.43 12.85
C LEU B 54 12.20 -7.01 13.35
N VAL B 55 13.28 -6.24 13.41
CA VAL B 55 13.24 -4.86 13.87
C VAL B 55 13.34 -3.97 12.64
N ILE B 56 12.29 -3.22 12.36
CA ILE B 56 12.27 -2.28 11.25
C ILE B 56 12.49 -0.90 11.82
N LYS B 57 13.62 -0.28 11.46
CA LYS B 57 13.95 1.07 11.90
C LYS B 57 13.48 2.04 10.82
N LEU B 58 12.41 2.78 11.10
CA LEU B 58 11.79 3.65 10.11
C LEU B 58 12.49 4.98 9.97
N MET B 59 13.39 5.33 10.88
CA MET B 59 14.14 6.59 10.78
C MET B 59 15.58 6.27 10.40
N PRO B 60 15.98 6.50 9.15
CA PRO B 60 17.35 6.19 8.74
C PRO B 60 18.37 7.06 9.44
N ASN B 61 19.58 6.51 9.59
CA ASN B 61 20.65 7.21 10.29
C ASN B 61 21.26 8.25 9.36
N ILE B 62 21.07 9.52 9.69
CA ILE B 62 21.59 10.64 8.90
C ILE B 62 22.75 11.26 9.66
N THR B 63 23.85 11.52 8.95
CA THR B 63 25.08 11.96 9.57
C THR B 63 25.31 13.46 9.54
N LEU B 64 24.64 14.19 8.64
CA LEU B 64 24.91 15.62 8.50
C LEU B 64 24.19 16.43 9.56
N LEU B 65 22.86 16.41 9.55
CA LEU B 65 22.04 17.14 10.51
C LEU B 65 22.41 18.62 10.57
N ASN B 66 22.48 19.24 9.38
CA ASN B 66 22.83 20.65 9.29
C ASN B 66 21.62 21.51 9.60
N ASN B 67 21.74 22.81 9.34
CA ASN B 67 20.61 23.72 9.47
C ASN B 67 19.72 23.72 8.24
N CYS B 68 20.17 23.09 7.15
CA CYS B 68 19.42 23.02 5.91
C CYS B 68 18.42 21.87 5.89
N THR B 69 18.50 20.95 6.86
CA THR B 69 17.67 19.75 6.88
C THR B 69 16.82 19.64 8.13
N ARG B 70 16.82 20.66 8.99
CA ARG B 70 16.04 20.58 10.22
C ARG B 70 14.56 20.51 9.95
N VAL B 71 14.06 21.33 9.03
CA VAL B 71 12.62 21.37 8.75
C VAL B 71 12.17 20.09 8.05
N GLU B 72 12.99 19.58 7.12
CA GLU B 72 12.60 18.41 6.36
C GLU B 72 12.58 17.14 7.21
N ILE B 73 13.49 17.04 8.19
CA ILE B 73 13.49 15.88 9.07
C ILE B 73 12.27 15.89 9.97
N ALA B 74 11.84 17.07 10.41
CA ALA B 74 10.65 17.17 11.25
C ALA B 74 9.38 16.83 10.48
N GLU B 75 9.33 17.17 9.20
CA GLU B 75 8.17 16.81 8.38
C GLU B 75 8.07 15.31 8.21
N TYR B 76 9.21 14.63 8.07
CA TYR B 76 9.20 13.17 8.00
C TYR B 76 8.83 12.54 9.34
N ARG B 77 9.27 13.16 10.44
CA ARG B 77 8.93 12.64 11.76
C ARG B 77 7.43 12.74 12.01
N ARG B 78 6.80 13.83 11.55
CA ARG B 78 5.35 13.97 11.70
C ARG B 78 4.61 12.92 10.89
N LEU B 79 5.14 12.53 9.73
CA LEU B 79 4.55 11.42 8.99
C LEU B 79 4.63 10.12 9.78
N LEU B 80 5.76 9.88 10.45
CA LEU B 80 5.91 8.65 11.23
C LEU B 80 4.96 8.62 12.41
N ARG B 81 4.76 9.75 13.08
CA ARG B 81 3.85 9.79 14.22
C ARG B 81 2.41 9.53 13.79
N THR B 82 2.04 9.93 12.57
CA THR B 82 0.70 9.64 12.08
C THR B 82 0.47 8.14 11.97
N VAL B 83 1.49 7.40 11.57
CA VAL B 83 1.36 5.95 11.39
C VAL B 83 1.66 5.20 12.68
N LEU B 84 2.77 5.54 13.34
CA LEU B 84 3.26 4.72 14.46
C LEU B 84 2.45 4.94 15.73
N GLU B 85 2.01 6.16 16.00
CA GLU B 85 1.36 6.45 17.28
C GLU B 85 0.06 5.66 17.49
N PRO B 86 -0.85 5.55 16.52
CA PRO B 86 -2.02 4.68 16.75
C PRO B 86 -1.67 3.23 17.03
N ILE B 87 -0.55 2.73 16.48
CA ILE B 87 -0.13 1.37 16.79
C ILE B 87 0.32 1.25 18.24
N ARG B 88 1.15 2.18 18.70
CA ARG B 88 1.64 2.13 20.06
C ARG B 88 0.51 2.32 21.07
N ASP B 89 -0.41 3.22 20.77
CA ASP B 89 -1.50 3.49 21.70
C ASP B 89 -2.50 2.34 21.75
N ALA B 90 -2.67 1.62 20.65
CA ALA B 90 -3.56 0.46 20.65
C ALA B 90 -2.94 -0.75 21.33
N LEU B 91 -1.62 -0.93 21.20
CA LEU B 91 -0.95 -2.03 21.88
C LEU B 91 -1.06 -1.89 23.40
N ASN B 92 -0.90 -0.68 23.90
CA ASN B 92 -1.00 -0.45 25.34
C ASN B 92 -2.42 -0.69 25.84
N ALA B 93 -3.43 -0.28 25.05
CA ALA B 93 -4.81 -0.44 25.49
C ALA B 93 -5.25 -1.89 25.47
N MET B 94 -4.87 -2.64 24.43
CA MET B 94 -5.29 -4.03 24.30
C MET B 94 -4.44 -5.00 25.10
N THR B 95 -3.31 -4.57 25.64
CA THR B 95 -2.46 -5.43 26.44
C THR B 95 -2.16 -4.80 27.79
N GLN C 24 -42.43 -23.57 -2.27
CA GLN C 24 -43.70 -23.36 -1.57
C GLN C 24 -43.59 -23.63 -0.06
N ILE C 25 -42.55 -23.05 0.55
CA ILE C 25 -42.37 -23.18 1.98
C ILE C 25 -43.47 -22.41 2.70
N HIS C 26 -44.13 -23.07 3.65
CA HIS C 26 -45.20 -22.45 4.42
C HIS C 26 -44.56 -21.65 5.56
N TRP C 27 -44.28 -20.38 5.29
CA TRP C 27 -43.57 -19.55 6.25
C TRP C 27 -44.43 -19.19 7.47
N GLY C 28 -45.75 -19.34 7.37
CA GLY C 28 -46.62 -19.06 8.50
C GLY C 28 -46.68 -20.21 9.48
N ASN C 29 -46.94 -21.41 8.97
CA ASN C 29 -46.96 -22.60 9.82
C ASN C 29 -45.59 -22.91 10.40
N LEU C 30 -44.53 -22.50 9.72
CA LEU C 30 -43.17 -22.82 10.13
C LEU C 30 -42.64 -21.88 11.21
N SER C 31 -43.26 -20.72 11.40
CA SER C 31 -42.89 -19.82 12.47
C SER C 31 -43.53 -20.17 13.80
N LYS C 32 -44.54 -21.04 13.80
CA LYS C 32 -45.12 -21.53 15.05
C LYS C 32 -44.21 -22.50 15.77
N ILE C 33 -43.14 -22.97 15.12
CA ILE C 33 -42.19 -23.90 15.70
C ILE C 33 -40.79 -23.28 15.76
N GLY C 34 -40.70 -21.95 15.77
CA GLY C 34 -39.46 -21.27 16.00
C GLY C 34 -38.55 -21.12 14.81
N VAL C 35 -38.99 -21.50 13.62
CA VAL C 35 -38.17 -21.41 12.40
C VAL C 35 -38.59 -20.17 11.62
N VAL C 36 -37.61 -19.32 11.29
CA VAL C 36 -37.86 -18.11 10.52
C VAL C 36 -36.88 -18.07 9.35
N GLY C 37 -37.27 -17.34 8.31
CA GLY C 37 -36.42 -17.12 7.17
C GLY C 37 -35.87 -15.70 7.19
N ILE C 38 -34.53 -15.61 7.12
CA ILE C 38 -33.85 -14.34 7.31
C ILE C 38 -33.11 -13.90 6.04
N GLY C 39 -33.48 -14.46 4.89
CA GLY C 39 -32.83 -14.08 3.65
C GLY C 39 -33.44 -14.78 2.47
N SER C 40 -33.03 -14.34 1.28
CA SER C 40 -33.47 -14.91 0.02
C SER C 40 -32.58 -14.34 -1.08
N ALA C 41 -32.15 -15.21 -1.99
CA ALA C 41 -31.26 -14.79 -3.06
C ALA C 41 -31.35 -15.77 -4.22
N SER C 42 -30.87 -15.34 -5.38
CA SER C 42 -30.75 -16.21 -6.53
C SER C 42 -29.51 -17.09 -6.40
N TYR C 43 -29.35 -18.01 -7.35
CA TYR C 43 -28.26 -18.97 -7.30
C TYR C 43 -27.47 -18.88 -8.60
N LYS C 44 -26.17 -18.63 -8.48
CA LYS C 44 -25.25 -18.60 -9.62
C LYS C 44 -24.03 -19.44 -9.28
N VAL C 45 -23.68 -20.36 -10.16
CA VAL C 45 -22.55 -21.27 -9.95
C VAL C 45 -21.42 -20.88 -10.90
N MET C 46 -20.20 -20.88 -10.38
CA MET C 46 -19.05 -20.47 -11.16
C MET C 46 -18.69 -21.51 -12.21
N THR C 47 -18.21 -21.01 -13.36
CA THR C 47 -17.92 -21.87 -14.50
C THR C 47 -16.48 -21.65 -14.93
N ARG C 48 -16.09 -22.17 -16.10
CA ARG C 48 -14.70 -22.08 -16.56
C ARG C 48 -14.26 -20.63 -16.67
N SER C 49 -13.10 -20.32 -16.10
CA SER C 49 -12.63 -18.94 -16.02
C SER C 49 -11.95 -18.51 -17.32
N SER C 50 -11.95 -17.21 -17.55
CA SER C 50 -11.21 -16.60 -18.64
C SER C 50 -9.87 -16.10 -18.12
N HIS C 51 -8.99 -15.73 -19.05
CA HIS C 51 -7.62 -15.34 -18.69
C HIS C 51 -7.18 -14.16 -19.52
N GLN C 52 -6.31 -13.33 -18.93
CA GLN C 52 -5.72 -12.20 -19.62
C GLN C 52 -4.33 -11.95 -19.05
N SER C 53 -3.43 -11.50 -19.91
CA SER C 53 -2.07 -11.15 -19.51
C SER C 53 -1.93 -9.63 -19.47
N LEU C 54 -1.44 -9.12 -18.35
CA LEU C 54 -1.17 -7.70 -18.18
C LEU C 54 0.31 -7.51 -17.89
N VAL C 55 0.96 -6.65 -18.67
CA VAL C 55 2.39 -6.37 -18.52
C VAL C 55 2.53 -4.98 -17.92
N ILE C 56 3.19 -4.90 -16.76
CA ILE C 56 3.41 -3.64 -16.06
C ILE C 56 4.87 -3.28 -16.23
N LYS C 57 5.13 -2.19 -16.94
CA LYS C 57 6.49 -1.68 -17.13
C LYS C 57 6.80 -0.75 -15.96
N LEU C 58 7.57 -1.25 -14.99
CA LEU C 58 7.89 -0.45 -13.81
C LEU C 58 8.91 0.63 -14.08
N MET C 59 9.70 0.50 -15.14
CA MET C 59 10.67 1.53 -15.49
C MET C 59 10.13 2.36 -16.65
N PRO C 60 9.79 3.63 -16.43
CA PRO C 60 9.27 4.45 -17.52
C PRO C 60 10.35 4.73 -18.57
N ASN C 61 9.91 5.29 -19.69
CA ASN C 61 10.77 5.51 -20.85
C ASN C 61 11.29 6.94 -20.80
N ILE C 62 12.51 7.11 -20.31
CA ILE C 62 13.16 8.42 -20.25
C ILE C 62 14.00 8.60 -21.51
N THR C 63 13.85 9.75 -22.16
CA THR C 63 14.51 10.02 -23.43
C THR C 63 15.81 10.80 -23.29
N LEU C 64 15.87 11.76 -22.36
CA LEU C 64 17.07 12.59 -22.23
C LEU C 64 18.27 11.75 -21.82
N LEU C 65 18.23 11.17 -20.62
CA LEU C 65 19.31 10.35 -20.09
C LEU C 65 20.64 11.10 -20.10
N ASN C 66 20.62 12.31 -19.54
CA ASN C 66 21.79 13.17 -19.52
C ASN C 66 22.74 12.72 -18.40
N ASN C 67 23.78 13.52 -18.15
CA ASN C 67 24.65 13.30 -17.01
C ASN C 67 24.06 13.82 -15.72
N CYS C 68 22.99 14.62 -15.78
CA CYS C 68 22.32 15.13 -14.60
C CYS C 68 21.33 14.13 -14.00
N THR C 69 21.04 13.05 -14.71
CA THR C 69 20.04 12.08 -14.27
C THR C 69 20.62 10.69 -14.06
N ARG C 70 21.95 10.52 -14.18
CA ARG C 70 22.54 9.20 -14.03
C ARG C 70 22.37 8.66 -12.63
N VAL C 71 22.60 9.49 -11.60
CA VAL C 71 22.51 9.03 -10.23
C VAL C 71 21.06 8.75 -9.84
N GLU C 72 20.13 9.62 -10.26
CA GLU C 72 18.74 9.49 -9.85
C GLU C 72 18.08 8.26 -10.47
N ILE C 73 18.46 7.90 -11.69
CA ILE C 73 17.91 6.70 -12.32
C ILE C 73 18.43 5.45 -11.61
N ALA C 74 19.69 5.47 -11.18
CA ALA C 74 20.26 4.33 -10.46
C ALA C 74 19.59 4.13 -9.11
N GLU C 75 19.24 5.22 -8.42
CA GLU C 75 18.55 5.11 -7.15
C GLU C 75 17.17 4.49 -7.31
N TYR C 76 16.50 4.77 -8.43
CA TYR C 76 15.20 4.16 -8.69
C TYR C 76 15.33 2.68 -9.03
N ARG C 77 16.37 2.32 -9.77
CA ARG C 77 16.59 0.90 -10.09
C ARG C 77 16.86 0.09 -8.85
N ARG C 78 17.57 0.67 -7.87
CA ARG C 78 17.80 -0.01 -6.61
C ARG C 78 16.51 -0.24 -5.85
N LEU C 79 15.59 0.73 -5.90
CA LEU C 79 14.27 0.54 -5.31
C LEU C 79 13.51 -0.57 -6.00
N LEU C 80 13.60 -0.63 -7.34
CA LEU C 80 12.91 -1.67 -8.09
C LEU C 80 13.46 -3.05 -7.77
N ARG C 81 14.78 -3.17 -7.61
CA ARG C 81 15.38 -4.46 -7.32
C ARG C 81 15.01 -4.95 -5.92
N THR C 82 14.80 -4.03 -4.97
CA THR C 82 14.37 -4.44 -3.64
C THR C 82 13.03 -5.14 -3.69
N VAL C 83 12.16 -4.71 -4.60
CA VAL C 83 10.82 -5.29 -4.72
C VAL C 83 10.81 -6.46 -5.69
N LEU C 84 11.39 -6.29 -6.88
CA LEU C 84 11.24 -7.27 -7.94
C LEU C 84 12.12 -8.50 -7.74
N GLU C 85 13.31 -8.34 -7.18
CA GLU C 85 14.23 -9.48 -7.08
C GLU C 85 13.69 -10.62 -6.22
N PRO C 86 13.11 -10.40 -5.04
CA PRO C 86 12.52 -11.54 -4.31
C PRO C 86 11.41 -12.24 -5.06
N ILE C 87 10.69 -11.53 -5.94
CA ILE C 87 9.62 -12.17 -6.71
C ILE C 87 10.21 -13.14 -7.73
N ARG C 88 11.24 -12.72 -8.45
CA ARG C 88 11.86 -13.60 -9.44
C ARG C 88 12.50 -14.82 -8.79
N ASP C 89 13.17 -14.61 -7.65
CA ASP C 89 13.80 -15.72 -6.95
C ASP C 89 12.77 -16.71 -6.43
N ALA C 90 11.65 -16.21 -5.91
CA ALA C 90 10.60 -17.11 -5.43
C ALA C 90 9.95 -17.87 -6.58
N LEU C 91 9.76 -17.21 -7.73
CA LEU C 91 9.18 -17.89 -8.88
C LEU C 91 10.08 -19.00 -9.39
N ASN C 92 11.40 -18.74 -9.43
CA ASN C 92 12.34 -19.74 -9.91
C ASN C 92 12.42 -20.94 -8.97
N ALA C 93 12.39 -20.68 -7.66
CA ALA C 93 12.51 -21.78 -6.70
C ALA C 93 11.23 -22.59 -6.61
N MET C 94 10.08 -21.93 -6.64
CA MET C 94 8.81 -22.61 -6.45
C MET C 94 8.26 -23.23 -7.74
N THR C 95 8.91 -22.97 -8.88
CA THR C 95 8.46 -23.53 -10.15
C THR C 95 9.58 -24.27 -10.84
N MET D 29 65.05 84.83 -29.93
CA MET D 29 66.02 83.76 -30.18
C MET D 29 65.82 82.60 -29.23
N LEU D 30 66.37 82.73 -28.01
CA LEU D 30 66.23 81.68 -27.02
C LEU D 30 64.77 81.52 -26.58
N ASN D 31 64.05 82.64 -26.44
CA ASN D 31 62.64 82.56 -26.08
C ASN D 31 61.81 81.97 -27.21
N SER D 32 62.21 82.24 -28.47
CA SER D 32 61.46 81.72 -29.60
C SER D 32 61.47 80.20 -29.63
N GLN D 33 62.63 79.58 -29.41
CA GLN D 33 62.68 78.12 -29.33
C GLN D 33 62.09 77.62 -28.02
N ALA D 34 62.11 78.46 -26.98
CA ALA D 34 61.47 78.10 -25.72
C ALA D 34 59.97 77.96 -25.89
N ILE D 35 59.35 78.85 -26.66
CA ILE D 35 57.92 78.73 -26.95
C ILE D 35 57.65 77.45 -27.72
N ASP D 36 58.50 77.14 -28.71
CA ASP D 36 58.36 75.88 -29.43
C ASP D 36 58.59 74.69 -28.53
N ASN D 37 59.50 74.81 -27.56
CA ASN D 37 59.73 73.71 -26.62
C ASN D 37 58.48 73.40 -25.81
N LEU D 38 57.79 74.44 -25.34
CA LEU D 38 56.51 74.22 -24.67
C LEU D 38 55.45 73.78 -25.67
N ARG D 39 55.48 74.33 -26.89
CA ARG D 39 54.49 73.97 -27.90
C ARG D 39 54.56 72.48 -28.24
N ALA D 40 55.77 71.96 -28.42
CA ALA D 40 55.92 70.54 -28.74
C ALA D 40 55.50 69.66 -27.58
N SER D 41 55.84 70.06 -26.35
CA SER D 41 55.49 69.25 -25.19
C SER D 41 54.01 69.32 -24.88
N LEU D 42 53.42 70.52 -24.92
CA LEU D 42 52.01 70.67 -24.56
C LEU D 42 51.10 69.94 -25.54
N GLU D 43 51.43 69.97 -26.83
CA GLU D 43 50.57 69.33 -27.83
C GLU D 43 50.49 67.83 -27.61
N THR D 44 51.59 67.21 -27.19
CA THR D 44 51.58 65.79 -26.88
C THR D 44 50.71 65.48 -25.67
N THR D 45 50.65 66.40 -24.70
CA THR D 45 49.83 66.17 -23.51
C THR D 45 48.36 66.07 -23.87
N ASN D 46 47.89 66.91 -24.79
CA ASN D 46 46.51 66.83 -25.23
C ASN D 46 46.21 65.49 -25.88
N GLN D 47 47.14 64.99 -26.70
CA GLN D 47 46.97 63.65 -27.27
C GLN D 47 47.02 62.58 -26.18
N ALA D 48 47.88 62.78 -25.17
CA ALA D 48 47.96 61.82 -24.08
C ALA D 48 46.64 61.74 -23.30
N ILE D 49 46.03 62.90 -23.03
CA ILE D 49 44.74 62.91 -22.34
C ILE D 49 43.65 62.29 -23.22
N GLU D 50 43.73 62.49 -24.53
CA GLU D 50 42.72 61.96 -25.42
C GLU D 50 42.68 60.44 -25.39
N ALA D 51 43.86 59.80 -25.31
CA ALA D 51 43.92 58.35 -25.31
C ALA D 51 43.22 57.75 -24.08
N ILE D 52 43.50 58.30 -22.90
CA ILE D 52 42.89 57.76 -21.69
C ILE D 52 41.40 58.08 -21.65
N ARG D 53 40.99 59.19 -22.27
CA ARG D 53 39.58 59.54 -22.29
C ARG D 53 38.76 58.49 -23.05
N GLN D 54 39.26 58.06 -24.21
CA GLN D 54 38.57 57.01 -24.95
C GLN D 54 38.68 55.67 -24.24
N ALA D 55 39.82 55.42 -23.59
CA ALA D 55 39.94 54.22 -22.76
C ALA D 55 38.96 54.25 -21.60
N GLY D 56 38.56 55.45 -21.17
CA GLY D 56 37.52 55.55 -20.15
C GLY D 56 36.19 54.99 -20.61
N GLN D 57 35.81 55.28 -21.86
CA GLN D 57 34.60 54.69 -22.41
C GLN D 57 34.71 53.18 -22.55
N GLY D 58 35.93 52.67 -22.75
CA GLY D 58 36.11 51.24 -22.74
C GLY D 58 35.77 50.61 -21.40
N MET D 59 36.17 51.28 -20.32
CA MET D 59 35.78 50.82 -18.99
C MET D 59 34.28 50.90 -18.79
N ILE D 60 33.66 51.99 -19.24
CA ILE D 60 32.21 52.17 -19.05
C ILE D 60 31.45 51.07 -19.78
N LEU D 61 31.83 50.79 -21.03
CA LEU D 61 31.15 49.75 -21.79
C LEU D 61 31.33 48.38 -21.14
N ALA D 62 32.52 48.11 -20.61
CA ALA D 62 32.76 46.85 -19.91
C ALA D 62 31.88 46.74 -18.67
N VAL D 63 31.82 47.81 -17.87
CA VAL D 63 30.98 47.80 -16.68
C VAL D 63 29.52 47.68 -17.05
N GLN D 64 29.08 48.41 -18.08
CA GLN D 64 27.71 48.29 -18.56
C GLN D 64 27.45 46.88 -19.08
N GLY D 65 28.43 46.29 -19.78
CA GLY D 65 28.27 44.92 -20.25
C GLY D 65 28.13 43.92 -19.12
N VAL D 66 28.87 44.14 -18.02
CA VAL D 66 28.72 43.29 -16.85
C VAL D 66 27.31 43.43 -16.26
N GLN D 67 26.81 44.67 -16.18
CA GLN D 67 25.48 44.88 -15.64
C GLN D 67 24.41 44.25 -16.52
N ASP D 68 24.56 44.35 -17.85
CA ASP D 68 23.58 43.75 -18.75
C ASP D 68 23.55 42.24 -18.59
N TYR D 69 24.72 41.61 -18.44
CA TYR D 69 24.77 40.16 -18.25
C TYR D 69 24.06 39.75 -16.97
N ILE D 70 24.25 40.52 -15.89
CA ILE D 70 23.60 40.18 -14.63
C ILE D 70 22.09 40.36 -14.74
N ASN D 71 21.65 41.48 -15.32
CA ASN D 71 20.22 41.75 -15.39
C ASN D 71 19.51 40.84 -16.37
N ASN D 72 20.15 40.51 -17.50
CA ASN D 72 19.48 39.79 -18.57
C ASN D 72 19.74 38.28 -18.54
N GLU D 73 20.78 37.81 -17.86
CA GLU D 73 21.11 36.40 -17.89
C GLU D 73 21.09 35.73 -16.51
N LEU D 74 21.63 36.39 -15.48
CA LEU D 74 21.68 35.76 -14.16
C LEU D 74 20.39 35.94 -13.38
N ILE D 75 19.86 37.16 -13.34
CA ILE D 75 18.60 37.40 -12.63
C ILE D 75 17.46 36.56 -13.19
N PRO D 76 17.23 36.50 -14.51
CA PRO D 76 16.20 35.57 -15.02
C PRO D 76 16.48 34.12 -14.68
N SER D 77 17.74 33.72 -14.57
CA SER D 77 18.06 32.33 -14.30
C SER D 77 17.78 31.97 -12.85
N MET D 78 18.13 32.84 -11.90
CA MET D 78 17.81 32.57 -10.50
C MET D 78 16.31 32.54 -10.28
N ASN D 79 15.57 33.47 -10.88
CA ASN D 79 14.12 33.47 -10.74
C ASN D 79 13.52 32.20 -11.33
N GLN D 80 14.04 31.75 -12.46
CA GLN D 80 13.58 30.49 -13.03
C GLN D 80 13.93 29.32 -12.11
N LEU D 81 15.14 29.32 -11.54
CA LEU D 81 15.51 28.29 -10.58
C LEU D 81 14.63 28.36 -9.34
N SER D 82 14.35 29.56 -8.84
CA SER D 82 13.48 29.70 -7.68
C SER D 82 12.06 29.26 -8.00
N CYS D 83 11.56 29.61 -9.18
CA CYS D 83 10.21 29.19 -9.56
C CYS D 83 10.15 27.67 -9.72
N ASP D 84 11.16 27.07 -10.34
CA ASP D 84 11.18 25.62 -10.48
C ASP D 84 11.28 24.93 -9.12
N LEU D 85 12.10 25.48 -8.22
CA LEU D 85 12.29 24.85 -6.91
C LEU D 85 11.04 24.94 -6.04
N ILE D 86 10.28 26.04 -6.16
CA ILE D 86 9.02 26.15 -5.44
C ILE D 86 8.04 25.08 -5.90
N GLY D 87 7.99 24.81 -7.20
CA GLY D 87 7.13 23.76 -7.71
C GLY D 87 7.51 22.39 -7.18
N GLN D 88 8.82 22.12 -7.09
CA GLN D 88 9.26 20.84 -6.55
C GLN D 88 8.97 20.71 -5.06
N LYS D 89 9.03 21.81 -4.32
CA LYS D 89 8.68 21.76 -2.91
C LYS D 89 7.21 21.42 -2.71
N LEU D 90 6.32 22.02 -3.51
CA LEU D 90 4.91 21.66 -3.44
C LEU D 90 4.69 20.21 -3.87
N GLY D 91 5.35 19.78 -4.94
CA GLY D 91 5.16 18.42 -5.41
C GLY D 91 5.57 17.38 -4.38
N LEU D 92 6.66 17.63 -3.66
CA LEU D 92 7.08 16.70 -2.61
C LEU D 92 6.15 16.76 -1.42
N LYS D 93 5.72 17.96 -1.01
CA LYS D 93 4.75 18.09 0.05
C LYS D 93 3.43 17.43 -0.32
N LEU D 94 3.13 17.37 -1.61
CA LEU D 94 1.82 16.94 -2.10
C LEU D 94 1.79 15.45 -2.40
N LEU D 95 2.95 14.86 -2.73
CA LEU D 95 3.07 13.41 -2.83
C LEU D 95 3.17 12.76 -1.46
N ARG D 96 3.78 13.43 -0.49
CA ARG D 96 3.83 12.90 0.87
C ARG D 96 2.44 12.81 1.49
N TYR D 97 1.55 13.73 1.13
CA TYR D 97 0.17 13.64 1.61
C TYR D 97 -0.54 12.42 1.04
N TYR D 98 -0.35 12.14 -0.26
CA TYR D 98 -0.98 10.96 -0.84
C TYR D 98 -0.43 9.68 -0.24
N THR D 99 0.88 9.60 -0.05
CA THR D 99 1.47 8.42 0.57
C THR D 99 0.93 8.20 1.98
N GLU D 100 0.52 9.27 2.65
CA GLU D 100 -0.19 9.14 3.92
C GLU D 100 -1.60 8.62 3.72
N ILE D 101 -2.30 9.11 2.68
CA ILE D 101 -3.63 8.60 2.37
C ILE D 101 -3.55 7.14 1.95
N LEU D 102 -2.57 6.79 1.12
CA LEU D 102 -2.38 5.40 0.72
C LEU D 102 -2.00 4.52 1.89
N SER D 103 -1.29 5.08 2.87
CA SER D 103 -0.87 4.30 4.03
C SER D 103 -2.03 3.98 4.94
N LEU D 104 -2.95 4.92 5.13
CA LEU D 104 -4.07 4.74 6.03
C LEU D 104 -5.30 4.14 5.35
N PHE D 105 -5.60 4.58 4.12
CA PHE D 105 -6.84 4.22 3.44
C PHE D 105 -6.57 3.42 2.18
N GLY D 106 -5.48 2.67 2.15
CA GLY D 106 -5.08 1.91 0.99
C GLY D 106 -6.06 0.84 0.56
N PRO D 107 -6.39 -0.09 1.46
CA PRO D 107 -7.31 -1.17 1.08
C PRO D 107 -8.69 -0.68 0.65
N SER D 108 -9.16 0.44 1.19
CA SER D 108 -10.46 0.97 0.79
C SER D 108 -10.44 1.57 -0.61
N LEU D 109 -9.35 2.22 -0.99
CA LEU D 109 -9.24 2.79 -2.34
C LEU D 109 -9.25 1.70 -3.40
N ARG D 110 -8.58 0.58 -3.13
CA ARG D 110 -8.51 -0.53 -4.09
C ARG D 110 -9.78 -1.36 -4.12
N ASP D 111 -10.49 -1.49 -3.01
CA ASP D 111 -11.71 -2.30 -2.91
C ASP D 111 -12.81 -1.44 -2.30
N PRO D 112 -13.49 -0.63 -3.10
CA PRO D 112 -14.53 0.26 -2.55
C PRO D 112 -15.76 -0.47 -2.02
N ILE D 113 -15.99 -1.72 -2.43
CA ILE D 113 -17.20 -2.42 -2.00
C ILE D 113 -17.12 -2.78 -0.53
N SER D 114 -15.98 -3.31 -0.10
CA SER D 114 -15.82 -3.76 1.28
C SER D 114 -14.35 -3.95 1.58
N ALA D 115 -13.87 -3.32 2.65
CA ALA D 115 -12.48 -3.45 3.05
C ALA D 115 -12.36 -3.13 4.53
N GLU D 116 -11.41 -3.80 5.18
CA GLU D 116 -11.14 -3.51 6.59
C GLU D 116 -10.47 -2.16 6.73
N ILE D 117 -10.76 -1.48 7.82
CA ILE D 117 -10.13 -0.20 8.11
C ILE D 117 -8.84 -0.45 8.89
N SER D 118 -7.90 0.49 8.76
CA SER D 118 -6.65 0.39 9.48
C SER D 118 -6.81 0.88 10.92
N ILE D 119 -5.82 0.54 11.75
CA ILE D 119 -5.86 0.98 13.13
C ILE D 119 -5.69 2.50 13.22
N GLN D 120 -5.04 3.10 12.24
CA GLN D 120 -4.88 4.55 12.22
C GLN D 120 -6.17 5.26 11.80
N ALA D 121 -6.91 4.67 10.86
CA ALA D 121 -8.19 5.25 10.44
C ALA D 121 -9.24 5.10 11.52
N LEU D 122 -9.21 4.03 12.30
CA LEU D 122 -10.17 3.85 13.37
C LEU D 122 -9.99 4.90 14.46
N SER D 123 -8.74 5.19 14.83
CA SER D 123 -8.49 6.20 15.86
C SER D 123 -8.95 7.58 15.42
N TYR D 124 -8.69 7.93 14.16
CA TYR D 124 -9.08 9.24 13.67
C TYR D 124 -10.60 9.41 13.65
N ALA D 125 -11.32 8.38 13.21
CA ALA D 125 -12.76 8.49 13.07
C ALA D 125 -13.43 8.73 14.42
N LEU D 126 -13.00 8.01 15.45
CA LEU D 126 -13.61 8.10 16.78
C LEU D 126 -12.68 8.91 17.67
N GLY D 127 -12.84 10.24 17.64
CA GLY D 127 -11.95 11.10 18.41
C GLY D 127 -10.56 11.08 17.81
N GLY D 128 -9.56 10.93 18.67
CA GLY D 128 -8.19 10.87 18.22
C GLY D 128 -7.33 9.90 19.01
N ASP D 129 -7.97 8.96 19.69
CA ASP D 129 -7.26 8.06 20.59
C ASP D 129 -8.04 6.76 20.69
N ILE D 130 -7.32 5.68 21.06
CA ILE D 130 -7.98 4.40 21.28
C ILE D 130 -8.86 4.46 22.52
N ASN D 131 -8.49 5.27 23.52
CA ASN D 131 -9.34 5.41 24.69
C ASN D 131 -10.69 6.00 24.34
N LYS D 132 -10.71 6.97 23.43
CA LYS D 132 -12.00 7.46 22.92
C LYS D 132 -12.70 6.39 22.10
N VAL D 133 -11.95 5.58 21.36
CA VAL D 133 -12.55 4.50 20.58
C VAL D 133 -13.26 3.51 21.50
N LEU D 134 -12.61 3.12 22.60
CA LEU D 134 -13.19 2.11 23.48
C LEU D 134 -14.45 2.63 24.17
N GLU D 135 -14.45 3.89 24.60
CA GLU D 135 -15.62 4.41 25.31
C GLU D 135 -16.78 4.72 24.38
N LYS D 136 -16.50 5.15 23.14
CA LYS D 136 -17.57 5.44 22.20
C LYS D 136 -18.21 4.16 21.68
N LEU D 137 -17.41 3.13 21.42
CA LEU D 137 -17.93 1.86 20.93
C LEU D 137 -18.36 0.93 22.06
N GLY D 138 -18.06 1.27 23.30
CA GLY D 138 -18.38 0.39 24.41
C GLY D 138 -17.64 -0.92 24.40
N TYR D 139 -16.35 -0.89 24.06
CA TYR D 139 -15.53 -2.09 24.01
C TYR D 139 -14.71 -2.21 25.29
N SER D 140 -14.37 -3.45 25.64
CA SER D 140 -13.67 -3.75 26.89
C SER D 140 -12.16 -3.70 26.74
N GLY D 141 -11.63 -3.55 25.54
CA GLY D 141 -10.20 -3.64 25.34
C GLY D 141 -9.80 -5.02 24.87
N GLY D 142 -10.45 -6.04 25.41
CA GLY D 142 -10.33 -7.39 24.91
C GLY D 142 -11.36 -7.65 23.82
N ASP D 143 -12.38 -6.81 23.77
CA ASP D 143 -13.33 -6.86 22.66
C ASP D 143 -12.72 -6.29 21.38
N LEU D 144 -11.94 -5.23 21.51
CA LEU D 144 -11.25 -4.68 20.35
C LEU D 144 -10.26 -5.69 19.77
N LEU D 145 -9.57 -6.42 20.64
CA LEU D 145 -8.65 -7.45 20.16
C LEU D 145 -9.39 -8.52 19.37
N GLY D 146 -10.57 -8.92 19.85
CA GLY D 146 -11.35 -9.90 19.11
C GLY D 146 -11.89 -9.36 17.80
N ILE D 147 -12.34 -8.10 17.79
CA ILE D 147 -12.88 -7.50 16.58
C ILE D 147 -11.78 -7.27 15.56
N LEU D 148 -10.64 -6.76 16.00
CA LEU D 148 -9.54 -6.48 15.07
C LEU D 148 -9.01 -7.76 14.45
N GLU D 149 -8.89 -8.83 15.24
CA GLU D 149 -8.34 -10.08 14.72
C GLU D 149 -9.31 -10.81 13.81
N SER D 150 -10.61 -10.65 14.04
CA SER D 150 -11.63 -11.25 13.19
C SER D 150 -12.00 -10.36 12.01
N ARG D 151 -11.46 -9.13 11.95
CA ARG D 151 -11.71 -8.19 10.88
C ARG D 151 -13.22 -7.91 10.74
N GLY D 152 -13.79 -7.36 11.80
CA GLY D 152 -15.22 -7.12 11.86
C GLY D 152 -15.65 -5.74 11.42
N ILE D 153 -14.71 -4.79 11.35
CA ILE D 153 -15.01 -3.43 10.95
C ILE D 153 -14.68 -3.28 9.48
N LYS D 154 -15.68 -2.89 8.69
CA LYS D 154 -15.55 -2.78 7.25
C LYS D 154 -15.95 -1.38 6.80
N ALA D 155 -15.29 -0.91 5.76
CA ALA D 155 -15.56 0.41 5.19
C ALA D 155 -16.00 0.26 3.74
N ARG D 156 -17.09 0.93 3.39
CA ARG D 156 -17.60 0.97 2.02
C ARG D 156 -17.55 2.41 1.52
N ILE D 157 -17.02 2.59 0.31
CA ILE D 157 -17.01 3.91 -0.31
C ILE D 157 -18.38 4.14 -0.92
N THR D 158 -19.09 5.16 -0.43
CA THR D 158 -20.44 5.42 -0.87
C THR D 158 -20.55 6.59 -1.84
N HIS D 159 -19.54 7.46 -1.92
CA HIS D 159 -19.61 8.60 -2.81
C HIS D 159 -18.20 9.03 -3.17
N VAL D 160 -17.97 9.22 -4.47
CA VAL D 160 -16.71 9.75 -4.98
C VAL D 160 -17.03 11.02 -5.77
N ASP D 161 -16.35 12.11 -5.41
CA ASP D 161 -16.47 13.37 -6.14
C ASP D 161 -15.16 13.60 -6.88
N THR D 162 -15.25 13.77 -8.20
CA THR D 162 -14.06 13.92 -9.02
C THR D 162 -13.70 15.38 -9.27
N GLU D 163 -14.68 16.28 -9.25
CA GLU D 163 -14.38 17.69 -9.46
C GLU D 163 -13.57 18.26 -8.30
N SER D 164 -13.95 17.95 -7.08
CA SER D 164 -13.27 18.46 -5.89
C SER D 164 -12.42 17.40 -5.20
N TYR D 165 -12.38 16.17 -5.72
CA TYR D 165 -11.41 15.14 -5.33
C TYR D 165 -11.54 14.80 -3.84
N PHE D 166 -12.69 14.23 -3.49
CA PHE D 166 -12.84 13.62 -2.18
C PHE D 166 -13.72 12.39 -2.29
N ILE D 167 -13.63 11.52 -1.28
CA ILE D 167 -14.43 10.32 -1.19
C ILE D 167 -15.06 10.28 0.19
N VAL D 168 -16.18 9.54 0.29
CA VAL D 168 -16.90 9.36 1.54
C VAL D 168 -16.90 7.88 1.88
N LEU D 169 -16.40 7.54 3.06
CA LEU D 169 -16.41 6.17 3.56
C LEU D 169 -17.50 5.97 4.60
N SER D 170 -18.23 4.87 4.48
CA SER D 170 -19.23 4.47 5.46
C SER D 170 -18.65 3.32 6.26
N ILE D 171 -18.44 3.55 7.56
CA ILE D 171 -17.80 2.58 8.44
C ILE D 171 -18.86 1.96 9.33
N ALA D 172 -18.87 0.63 9.42
CA ALA D 172 -19.79 -0.11 10.26
C ALA D 172 -19.03 -0.70 11.43
N TYR D 173 -19.48 -0.39 12.65
CA TYR D 173 -18.85 -0.89 13.86
C TYR D 173 -19.71 -1.98 14.47
N PRO D 174 -19.20 -3.18 14.67
CA PRO D 174 -20.00 -4.23 15.31
C PRO D 174 -20.32 -3.88 16.76
N THR D 175 -21.48 -4.33 17.20
CA THR D 175 -21.86 -4.28 18.61
C THR D 175 -21.96 -5.70 19.13
N LEU D 176 -21.39 -5.95 20.31
CA LEU D 176 -21.23 -7.29 20.84
C LEU D 176 -22.10 -7.47 22.08
N SER D 177 -22.83 -8.57 22.13
CA SER D 177 -23.59 -8.97 23.31
C SER D 177 -23.01 -10.25 23.86
N GLU D 178 -22.69 -10.25 25.15
CA GLU D 178 -22.08 -11.41 25.80
C GLU D 178 -23.14 -12.15 26.59
N ILE D 179 -23.27 -13.44 26.32
CA ILE D 179 -24.14 -14.32 27.12
C ILE D 179 -23.34 -14.74 28.33
N LYS D 180 -23.71 -14.22 29.50
CA LYS D 180 -22.91 -14.43 30.70
C LYS D 180 -23.05 -15.86 31.20
N GLY D 181 -21.91 -16.50 31.48
CA GLY D 181 -21.88 -17.85 31.97
C GLY D 181 -21.63 -18.92 30.93
N VAL D 182 -21.72 -18.58 29.65
CA VAL D 182 -21.54 -19.55 28.57
C VAL D 182 -20.06 -19.64 28.23
N ILE D 183 -19.53 -20.86 28.23
CA ILE D 183 -18.13 -21.13 27.92
C ILE D 183 -18.09 -22.11 26.75
N VAL D 184 -17.29 -21.79 25.74
CA VAL D 184 -17.17 -22.61 24.55
C VAL D 184 -15.92 -23.47 24.68
N HIS D 185 -16.08 -24.78 24.47
CA HIS D 185 -15.00 -25.75 24.63
C HIS D 185 -14.71 -26.40 23.29
N ARG D 186 -13.44 -26.49 22.93
CA ARG D 186 -13.03 -27.16 21.71
C ARG D 186 -12.56 -28.58 22.04
N LEU D 187 -13.10 -29.56 21.33
CA LEU D 187 -12.80 -30.96 21.55
C LEU D 187 -11.96 -31.50 20.40
N GLU D 188 -10.94 -32.29 20.74
CA GLU D 188 -10.08 -32.93 19.76
C GLU D 188 -9.92 -34.40 20.13
N GLY D 189 -10.04 -35.27 19.14
CA GLY D 189 -10.01 -36.69 19.39
C GLY D 189 -8.78 -37.40 18.87
N VAL D 190 -8.49 -38.58 19.42
CA VAL D 190 -7.38 -39.41 18.99
C VAL D 190 -7.81 -40.86 19.18
N SER D 191 -7.30 -41.73 18.30
CA SER D 191 -7.72 -43.13 18.31
C SER D 191 -7.05 -43.85 19.46
N TYR D 192 -7.80 -44.09 20.53
CA TYR D 192 -7.28 -44.85 21.66
C TYR D 192 -7.29 -46.34 21.33
N ASN D 193 -6.59 -47.10 22.18
CA ASN D 193 -6.36 -48.52 21.90
C ASN D 193 -6.57 -49.31 23.18
N ILE D 194 -7.50 -50.26 23.16
CA ILE D 194 -7.74 -51.16 24.28
C ILE D 194 -7.47 -52.59 23.80
N GLY D 195 -6.65 -53.31 24.55
CA GLY D 195 -6.20 -54.61 24.06
C GLY D 195 -5.40 -54.44 22.79
N SER D 196 -5.78 -55.19 21.76
CA SER D 196 -5.18 -55.07 20.44
C SER D 196 -6.12 -54.40 19.44
N GLN D 197 -7.25 -53.89 19.89
CA GLN D 197 -8.25 -53.28 19.04
C GLN D 197 -8.23 -51.78 19.20
N GLU D 198 -8.16 -51.06 18.09
CA GLU D 198 -8.09 -49.60 18.08
C GLU D 198 -9.48 -49.02 17.85
N TRP D 199 -9.87 -48.06 18.67
CA TRP D 199 -11.19 -47.46 18.62
C TRP D 199 -11.09 -45.95 18.38
N TYR D 200 -12.24 -45.31 18.21
CA TYR D 200 -12.30 -43.88 17.96
C TYR D 200 -13.67 -43.38 18.36
N THR D 201 -13.71 -42.31 19.16
CA THR D 201 -14.96 -41.77 19.68
C THR D 201 -15.37 -40.56 18.87
N THR D 202 -16.65 -40.51 18.49
CA THR D 202 -17.19 -39.41 17.70
C THR D 202 -17.80 -38.37 18.63
N VAL D 203 -17.24 -37.17 18.63
CA VAL D 203 -17.75 -36.06 19.44
C VAL D 203 -17.76 -34.81 18.58
N PRO D 204 -18.60 -33.83 18.93
CA PRO D 204 -18.59 -32.56 18.22
C PRO D 204 -17.27 -31.82 18.42
N LYS D 205 -16.90 -31.02 17.42
CA LYS D 205 -15.68 -30.23 17.51
C LYS D 205 -15.79 -29.16 18.58
N TYR D 206 -16.99 -28.65 18.82
CA TYR D 206 -17.21 -27.59 19.80
C TYR D 206 -18.43 -27.92 20.64
N VAL D 207 -18.35 -27.60 21.93
CA VAL D 207 -19.49 -27.68 22.84
C VAL D 207 -19.51 -26.40 23.66
N ALA D 208 -20.64 -26.16 24.31
CA ALA D 208 -20.81 -25.01 25.18
C ALA D 208 -21.42 -25.45 26.50
N THR D 209 -20.99 -24.82 27.59
CA THR D 209 -21.52 -25.12 28.92
C THR D 209 -21.95 -23.82 29.59
N GLN D 210 -23.09 -23.88 30.26
CA GLN D 210 -23.59 -22.77 31.08
C GLN D 210 -23.86 -23.34 32.48
N GLY D 211 -22.84 -23.31 33.32
CA GLY D 211 -22.96 -23.92 34.63
C GLY D 211 -22.97 -25.43 34.53
N TYR D 212 -24.11 -26.05 34.85
CA TYR D 212 -24.26 -27.49 34.76
C TYR D 212 -24.93 -27.94 33.46
N LEU D 213 -25.23 -27.01 32.55
CA LEU D 213 -25.91 -27.32 31.31
C LEU D 213 -24.91 -27.38 30.17
N ILE D 214 -25.13 -28.32 29.25
CA ILE D 214 -24.25 -28.52 28.09
C ILE D 214 -25.09 -28.41 26.83
N SER D 215 -24.58 -27.69 25.85
CA SER D 215 -25.25 -27.54 24.56
C SER D 215 -24.27 -27.76 23.43
N ASN D 216 -24.81 -27.78 22.21
CA ASN D 216 -24.00 -27.87 21.01
C ASN D 216 -23.57 -26.47 20.57
N PHE D 217 -22.65 -26.42 19.61
CA PHE D 217 -22.10 -25.15 19.16
C PHE D 217 -21.75 -25.26 17.69
N ASP D 218 -22.13 -24.26 16.91
CA ASP D 218 -21.90 -24.22 15.47
C ASP D 218 -20.87 -23.14 15.16
N GLU D 219 -19.75 -23.56 14.58
CA GLU D 219 -18.61 -22.67 14.36
C GLU D 219 -18.61 -22.05 12.97
N SER D 220 -19.72 -22.13 12.24
CA SER D 220 -19.75 -21.65 10.86
C SER D 220 -19.49 -20.15 10.79
N SER D 221 -20.09 -19.38 11.69
CA SER D 221 -20.00 -17.93 11.67
C SER D 221 -19.18 -17.39 12.85
N CYS D 222 -18.34 -18.21 13.45
CA CYS D 222 -17.62 -17.86 14.66
C CYS D 222 -16.12 -17.83 14.43
N THR D 223 -15.43 -17.14 15.33
CA THR D 223 -13.97 -17.06 15.31
C THR D 223 -13.48 -17.41 16.71
N PHE D 224 -12.85 -18.58 16.86
CA PHE D 224 -12.36 -19.03 18.15
C PHE D 224 -11.09 -18.27 18.51
N MET D 225 -11.09 -17.63 19.68
CA MET D 225 -9.98 -16.82 20.14
C MET D 225 -9.82 -17.01 21.65
N PRO D 226 -8.60 -16.81 22.18
CA PRO D 226 -8.41 -17.02 23.62
C PRO D 226 -9.29 -16.14 24.49
N GLU D 227 -9.52 -14.88 24.09
CA GLU D 227 -10.34 -13.99 24.91
C GLU D 227 -11.81 -14.35 24.83
N GLY D 228 -12.29 -14.72 23.64
CA GLY D 228 -13.68 -15.08 23.47
C GLY D 228 -14.06 -15.28 22.01
N THR D 229 -15.16 -15.98 21.77
CA THR D 229 -15.61 -16.25 20.41
C THR D 229 -16.62 -15.20 19.97
N VAL D 230 -16.36 -14.57 18.83
CA VAL D 230 -17.24 -13.57 18.26
C VAL D 230 -17.99 -14.23 17.10
N CYS D 231 -19.29 -14.38 17.24
CA CYS D 231 -20.12 -15.05 16.25
C CYS D 231 -21.06 -14.05 15.61
N SER D 232 -21.06 -13.99 14.28
CA SER D 232 -21.95 -13.06 13.58
C SER D 232 -23.39 -13.53 13.62
N GLN D 233 -23.62 -14.84 13.64
CA GLN D 233 -24.95 -15.42 13.77
C GLN D 233 -25.01 -16.24 15.06
N ASN D 234 -26.17 -16.82 15.33
CA ASN D 234 -26.31 -17.68 16.48
C ASN D 234 -25.52 -18.98 16.29
N ALA D 235 -24.99 -19.49 17.39
CA ALA D 235 -24.22 -20.73 17.38
C ALA D 235 -24.72 -21.79 18.34
N LEU D 236 -25.62 -21.44 19.26
CA LEU D 236 -26.03 -22.35 20.32
C LEU D 236 -27.32 -23.06 19.92
N TYR D 237 -27.28 -24.39 19.93
CA TYR D 237 -28.49 -25.20 19.81
C TYR D 237 -28.38 -26.36 20.78
N PRO D 238 -29.51 -26.87 21.27
CA PRO D 238 -29.47 -27.86 22.36
C PRO D 238 -28.86 -29.18 21.94
N MET D 239 -28.53 -29.98 22.94
CA MET D 239 -27.87 -31.27 22.78
C MET D 239 -28.80 -32.38 23.20
N SER D 240 -28.71 -33.52 22.52
CA SER D 240 -29.56 -34.66 22.83
C SER D 240 -29.18 -35.24 24.19
N PRO D 241 -30.13 -35.88 24.88
CA PRO D 241 -29.82 -36.48 26.18
C PRO D 241 -28.74 -37.55 26.12
N LEU D 242 -28.63 -38.28 25.01
CA LEU D 242 -27.63 -39.34 24.91
C LEU D 242 -26.22 -38.78 24.89
N LEU D 243 -26.00 -37.69 24.15
CA LEU D 243 -24.68 -37.09 24.10
C LEU D 243 -24.33 -36.35 25.40
N GLN D 244 -25.34 -35.91 26.15
CA GLN D 244 -25.07 -35.25 27.43
C GLN D 244 -24.46 -36.22 28.43
N GLU D 245 -24.96 -37.46 28.47
CA GLU D 245 -24.40 -38.45 29.37
C GLU D 245 -22.96 -38.78 29.02
N CYS D 246 -22.66 -38.84 27.72
CA CYS D 246 -21.30 -39.16 27.29
C CYS D 246 -20.31 -38.11 27.78
N LEU D 247 -20.67 -36.82 27.68
CA LEU D 247 -19.79 -35.75 28.12
C LEU D 247 -19.75 -35.59 29.63
N ARG D 248 -20.73 -36.14 30.35
CA ARG D 248 -20.81 -35.99 31.79
C ARG D 248 -20.17 -37.14 32.55
N GLY D 249 -19.60 -38.12 31.87
CA GLY D 249 -18.88 -39.17 32.55
C GLY D 249 -19.23 -40.58 32.09
N SER D 250 -20.47 -40.79 31.67
CA SER D 250 -20.93 -42.11 31.24
C SER D 250 -20.39 -42.37 29.84
N THR D 251 -19.11 -42.73 29.78
CA THR D 251 -18.44 -42.92 28.50
C THR D 251 -18.98 -44.12 27.73
N LYS D 252 -19.72 -45.02 28.38
CA LYS D 252 -20.33 -46.13 27.67
C LYS D 252 -21.42 -45.67 26.71
N SER D 253 -21.98 -44.47 26.92
CA SER D 253 -22.97 -43.92 26.02
C SER D 253 -22.36 -43.28 24.79
N CYS D 254 -21.05 -43.05 24.78
CA CYS D 254 -20.41 -42.40 23.65
C CYS D 254 -20.41 -43.32 22.43
N ALA D 255 -20.56 -42.71 21.26
CA ALA D 255 -20.51 -43.46 20.01
C ALA D 255 -19.06 -43.74 19.65
N ARG D 256 -18.73 -45.02 19.52
CA ARG D 256 -17.36 -45.46 19.27
C ARG D 256 -17.28 -46.15 17.92
N THR D 257 -16.12 -46.05 17.28
CA THR D 257 -15.89 -46.59 15.95
C THR D 257 -14.68 -47.50 15.99
N LEU D 258 -14.87 -48.76 15.60
CA LEU D 258 -13.75 -49.68 15.45
C LEU D 258 -13.05 -49.39 14.14
N VAL D 259 -11.78 -48.98 14.21
CA VAL D 259 -11.03 -48.59 13.01
C VAL D 259 -10.35 -49.85 12.49
N SER D 260 -11.09 -50.60 11.68
CA SER D 260 -10.60 -51.80 11.02
C SER D 260 -10.82 -51.63 9.52
N GLY D 261 -9.74 -51.71 8.75
CA GLY D 261 -9.79 -51.38 7.35
C GLY D 261 -9.71 -49.90 7.06
N SER D 262 -9.65 -49.06 8.10
CA SER D 262 -9.56 -47.62 7.96
C SER D 262 -8.39 -47.11 8.78
N PHE D 263 -8.28 -45.80 8.95
CA PHE D 263 -7.23 -45.24 9.78
C PHE D 263 -7.64 -43.85 10.25
N GLY D 264 -7.17 -43.49 11.44
CA GLY D 264 -7.39 -42.16 11.97
C GLY D 264 -6.09 -41.49 12.34
N ASN D 265 -6.14 -40.51 13.23
CA ASN D 265 -4.93 -39.88 13.73
C ASN D 265 -4.46 -40.59 14.99
N ARG D 266 -3.15 -40.58 15.20
CA ARG D 266 -2.56 -41.21 16.37
C ARG D 266 -1.85 -40.22 17.28
N PHE D 267 -1.87 -38.94 16.98
CA PHE D 267 -1.29 -37.93 17.85
C PHE D 267 -2.05 -36.63 17.72
N ILE D 268 -2.06 -35.85 18.79
CA ILE D 268 -2.60 -34.50 18.82
C ILE D 268 -1.51 -33.57 19.34
N LEU D 269 -1.39 -32.41 18.72
CA LEU D 269 -0.47 -31.37 19.19
C LEU D 269 -1.29 -30.19 19.69
N SER D 270 -1.03 -29.77 20.93
CA SER D 270 -1.82 -28.72 21.56
C SER D 270 -0.93 -27.94 22.51
N GLN D 271 -0.59 -26.70 22.13
CA GLN D 271 0.13 -25.76 23.00
C GLN D 271 1.46 -26.32 23.48
N GLY D 272 2.18 -27.00 22.59
CA GLY D 272 3.47 -27.54 22.95
C GLY D 272 3.44 -28.84 23.72
N ASN D 273 2.26 -29.43 23.91
CA ASN D 273 2.12 -30.73 24.55
C ASN D 273 1.54 -31.70 23.53
N LEU D 274 2.19 -32.85 23.37
CA LEU D 274 1.79 -33.85 22.39
C LEU D 274 1.03 -34.96 23.10
N ILE D 275 -0.19 -35.23 22.65
CA ILE D 275 -0.99 -36.36 23.11
C ILE D 275 -1.01 -37.38 21.99
N ALA D 276 -0.50 -38.57 22.25
CA ALA D 276 -0.34 -39.58 21.21
C ALA D 276 -0.79 -40.94 21.72
N ASN D 277 -1.24 -41.78 20.79
CA ASN D 277 -1.57 -43.17 21.06
C ASN D 277 -0.37 -44.01 20.62
N CYS D 278 0.55 -44.24 21.56
CA CYS D 278 1.79 -44.93 21.25
C CYS D 278 1.67 -46.44 21.42
N ALA D 279 0.48 -46.96 21.71
CA ALA D 279 0.29 -48.39 21.81
C ALA D 279 0.40 -49.04 20.43
N SER D 280 1.03 -50.21 20.40
CA SER D 280 1.18 -51.07 19.23
C SER D 280 2.10 -50.49 18.16
N ILE D 281 2.62 -49.27 18.34
CA ILE D 281 3.51 -48.67 17.36
C ILE D 281 4.84 -48.32 18.03
N LEU D 282 5.77 -47.75 17.26
CA LEU D 282 7.09 -47.38 17.76
C LEU D 282 7.16 -45.86 17.85
N CYS D 283 7.18 -45.34 19.07
CA CYS D 283 7.40 -43.93 19.33
C CYS D 283 8.80 -43.75 19.88
N LYS D 284 9.57 -42.84 19.29
CA LYS D 284 10.93 -42.58 19.75
C LYS D 284 11.17 -41.09 19.77
N CYS D 285 12.09 -40.67 20.64
CA CYS D 285 12.48 -39.27 20.75
C CYS D 285 13.66 -39.05 19.81
N TYR D 286 13.47 -38.21 18.78
CA TYR D 286 14.51 -38.01 17.79
C TYR D 286 15.76 -37.39 18.41
N THR D 287 15.58 -36.44 19.32
CA THR D 287 16.73 -35.73 19.89
C THR D 287 17.57 -36.65 20.78
N THR D 288 16.96 -37.19 21.84
CA THR D 288 17.71 -38.03 22.77
C THR D 288 17.99 -39.42 22.20
N GLY D 289 17.12 -39.92 21.32
CA GLY D 289 17.25 -41.25 20.78
C GLY D 289 16.52 -42.32 21.56
N THR D 290 15.95 -42.00 22.71
CA THR D 290 15.26 -42.98 23.53
C THR D 290 13.95 -43.40 22.87
N ILE D 291 13.46 -44.58 23.28
CA ILE D 291 12.19 -45.10 22.82
C ILE D 291 11.14 -44.80 23.89
N ILE D 292 10.04 -44.18 23.47
CA ILE D 292 8.95 -43.86 24.38
C ILE D 292 8.05 -45.09 24.50
N ASN D 293 8.01 -45.68 25.69
CA ASN D 293 7.19 -46.84 25.96
C ASN D 293 5.93 -46.41 26.71
N GLN D 294 4.77 -46.87 26.24
CA GLN D 294 3.50 -46.54 26.89
C GLN D 294 3.17 -47.61 27.91
N ASP D 295 2.93 -47.18 29.15
CA ASP D 295 2.51 -48.11 30.18
C ASP D 295 1.12 -48.68 29.84
N PRO D 296 0.93 -49.99 29.98
CA PRO D 296 -0.37 -50.58 29.60
C PRO D 296 -1.56 -50.00 30.34
N ASP D 297 -1.38 -49.60 31.61
CA ASP D 297 -2.48 -49.01 32.36
C ASP D 297 -2.93 -47.70 31.72
N LYS D 298 -1.98 -46.86 31.32
CA LYS D 298 -2.31 -45.59 30.71
C LYS D 298 -2.84 -45.78 29.29
N ILE D 299 -3.81 -44.95 28.90
CA ILE D 299 -4.43 -45.03 27.59
C ILE D 299 -3.61 -44.22 26.60
N LEU D 300 -3.50 -42.92 26.85
CA LEU D 300 -2.79 -42.00 25.98
C LEU D 300 -1.44 -41.63 26.58
N THR D 301 -0.55 -41.15 25.72
CA THR D 301 0.78 -40.72 26.12
C THR D 301 0.89 -39.21 25.94
N TYR D 302 1.34 -38.53 26.99
CA TYR D 302 1.53 -37.09 26.97
C TYR D 302 3.02 -36.79 26.98
N ILE D 303 3.47 -36.03 25.98
CA ILE D 303 4.88 -35.65 25.85
C ILE D 303 4.97 -34.14 25.85
N ALA D 304 5.79 -33.60 26.76
CA ALA D 304 6.01 -32.17 26.84
C ALA D 304 7.18 -31.76 25.96
N ALA D 305 7.16 -30.51 25.50
CA ALA D 305 8.20 -30.02 24.62
C ALA D 305 9.56 -29.93 25.29
N ASP D 306 9.59 -29.82 26.63
CA ASP D 306 10.86 -29.72 27.34
C ASP D 306 11.62 -31.05 27.31
N HIS D 307 10.95 -32.15 27.64
CA HIS D 307 11.61 -33.44 27.66
C HIS D 307 12.06 -33.86 26.27
N CYS D 308 11.23 -33.64 25.27
CA CYS D 308 11.55 -33.99 23.89
C CYS D 308 11.08 -32.88 22.96
N PRO D 309 11.97 -32.26 22.21
CA PRO D 309 11.54 -31.20 21.28
C PRO D 309 11.09 -31.74 19.93
N VAL D 310 11.59 -32.91 19.54
CA VAL D 310 11.22 -33.55 18.29
C VAL D 310 10.90 -35.02 18.59
N VAL D 311 9.74 -35.48 18.12
CA VAL D 311 9.24 -36.81 18.42
C VAL D 311 8.86 -37.50 17.12
N GLU D 312 9.17 -38.80 17.03
CA GLU D 312 8.74 -39.63 15.91
C GLU D 312 7.63 -40.56 16.38
N VAL D 313 6.51 -40.53 15.69
CA VAL D 313 5.35 -41.36 16.02
C VAL D 313 4.94 -42.10 14.76
N ASN D 314 5.02 -43.44 14.81
CA ASN D 314 4.63 -44.29 13.68
C ASN D 314 5.37 -43.90 12.40
N GLY D 315 6.63 -43.52 12.54
CA GLY D 315 7.43 -43.09 11.41
C GLY D 315 7.24 -41.64 11.01
N VAL D 316 6.35 -40.92 11.67
CA VAL D 316 6.09 -39.52 11.37
C VAL D 316 6.86 -38.66 12.37
N THR D 317 7.65 -37.72 11.86
CA THR D 317 8.44 -36.83 12.70
C THR D 317 7.62 -35.58 13.03
N ILE D 318 7.31 -35.40 14.30
CA ILE D 318 6.53 -34.26 14.78
C ILE D 318 7.47 -33.30 15.50
N GLN D 319 7.36 -32.01 15.18
CA GLN D 319 8.11 -30.98 15.87
C GLN D 319 7.22 -30.38 16.94
N VAL D 320 7.48 -30.74 18.20
CA VAL D 320 6.67 -30.28 19.32
C VAL D 320 7.33 -29.10 20.00
N GLY D 321 8.67 -29.04 19.93
CA GLY D 321 9.37 -27.88 20.44
C GLY D 321 9.31 -26.72 19.46
N SER D 322 9.50 -25.51 20.00
CA SER D 322 9.43 -24.29 19.20
C SER D 322 10.85 -23.78 18.94
N ARG D 323 11.18 -23.62 17.66
CA ARG D 323 12.49 -23.14 17.25
C ARG D 323 12.46 -21.62 17.12
N ARG D 324 13.59 -20.99 17.44
CA ARG D 324 13.73 -19.55 17.35
C ARG D 324 14.92 -19.21 16.49
N TYR D 325 14.74 -18.31 15.54
CA TYR D 325 15.79 -17.86 14.64
C TYR D 325 16.38 -16.55 15.11
N PRO D 326 17.65 -16.28 14.78
CA PRO D 326 18.29 -15.04 15.23
C PRO D 326 17.56 -13.81 14.73
N ASP D 327 17.58 -12.76 15.54
CA ASP D 327 16.89 -11.53 15.20
C ASP D 327 17.49 -10.89 13.96
N ALA D 328 16.62 -10.24 13.19
CA ALA D 328 17.02 -9.51 12.00
C ALA D 328 16.61 -8.05 12.14
N VAL D 329 17.39 -7.16 11.54
CA VAL D 329 17.16 -5.73 11.62
C VAL D 329 17.10 -5.16 10.21
N TYR D 330 16.07 -4.37 9.94
CA TYR D 330 15.91 -3.65 8.68
C TYR D 330 16.19 -2.18 8.94
N LEU D 331 17.20 -1.64 8.28
CA LEU D 331 17.60 -0.26 8.52
C LEU D 331 18.22 0.31 7.25
N HIS D 332 18.33 1.63 7.21
CA HIS D 332 18.84 2.35 6.06
C HIS D 332 19.78 3.45 6.55
N ARG D 333 20.72 3.82 5.69
CA ARG D 333 21.68 4.87 6.00
C ARG D 333 21.69 5.88 4.87
N ILE D 334 21.54 7.15 5.22
CA ILE D 334 21.51 8.26 4.26
C ILE D 334 22.74 9.13 4.49
N ASP D 335 23.49 9.38 3.43
CA ASP D 335 24.66 10.24 3.48
C ASP D 335 24.42 11.44 2.57
N LEU D 336 24.64 12.64 3.10
CA LEU D 336 24.40 13.88 2.38
C LEU D 336 25.72 14.62 2.16
N GLY D 337 25.61 15.81 1.57
CA GLY D 337 26.75 16.67 1.35
C GLY D 337 26.45 18.10 1.74
N PRO D 338 27.43 18.75 2.36
CA PRO D 338 27.25 20.15 2.78
C PRO D 338 26.94 21.05 1.60
N PRO D 339 26.05 22.01 1.76
CA PRO D 339 25.74 22.93 0.66
C PRO D 339 26.93 23.79 0.30
N ILE D 340 26.96 24.24 -0.96
CA ILE D 340 28.02 25.14 -1.40
C ILE D 340 27.88 26.46 -0.65
N SER D 341 29.01 27.14 -0.47
CA SER D 341 29.05 28.43 0.22
C SER D 341 30.04 29.31 -0.54
N LEU D 342 29.53 30.12 -1.47
CA LEU D 342 30.38 31.04 -2.19
C LEU D 342 30.86 32.15 -1.26
N GLY D 343 32.15 32.46 -1.34
CA GLY D 343 32.73 33.50 -0.53
C GLY D 343 32.50 34.88 -1.12
N ARG D 344 32.95 35.89 -0.39
CA ARG D 344 32.83 37.26 -0.84
C ARG D 344 33.72 37.49 -2.07
N LEU D 345 33.26 38.38 -2.94
CA LEU D 345 33.97 38.62 -4.19
C LEU D 345 35.34 39.24 -3.92
N ASP D 346 35.39 40.25 -3.05
CA ASP D 346 36.64 40.82 -2.53
C ASP D 346 37.53 41.35 -3.66
N VAL D 347 37.06 42.43 -4.28
CA VAL D 347 37.85 43.15 -5.27
C VAL D 347 38.24 44.54 -4.76
N GLY D 348 38.18 44.74 -3.44
CA GLY D 348 38.51 46.03 -2.87
C GLY D 348 39.98 46.39 -2.84
N THR D 349 40.85 45.44 -3.20
CA THR D 349 42.28 45.73 -3.23
C THR D 349 42.61 46.65 -4.41
N ASN D 350 42.36 46.19 -5.63
CA ASN D 350 42.61 47.02 -6.80
C ASN D 350 41.73 48.26 -6.80
N LEU D 351 40.46 48.10 -6.43
CA LEU D 351 39.54 49.24 -6.39
C LEU D 351 39.99 50.27 -5.36
N GLY D 352 40.40 49.82 -4.18
CA GLY D 352 40.91 50.73 -3.17
C GLY D 352 42.22 51.39 -3.58
N ASN D 353 43.07 50.65 -4.30
CA ASN D 353 44.32 51.23 -4.78
C ASN D 353 44.08 52.38 -5.75
N ALA D 354 43.11 52.21 -6.65
CA ALA D 354 42.81 53.27 -7.61
C ALA D 354 42.30 54.53 -6.92
N ILE D 355 41.54 54.35 -5.84
CA ILE D 355 41.05 55.49 -5.08
C ILE D 355 42.20 56.31 -4.52
N ALA D 356 43.22 55.63 -3.99
CA ALA D 356 44.40 56.33 -3.50
C ALA D 356 45.14 57.02 -4.64
N LYS D 357 45.25 56.35 -5.80
CA LYS D 357 45.98 56.91 -6.93
C LYS D 357 45.15 57.87 -7.77
N LEU D 358 43.87 58.06 -7.44
CA LEU D 358 43.03 58.99 -8.19
C LEU D 358 43.06 60.39 -7.56
N GLU D 359 42.70 60.50 -6.30
CA GLU D 359 42.63 61.79 -5.62
C GLU D 359 43.98 62.23 -5.04
N ASP D 360 45.03 61.42 -5.19
CA ASP D 360 46.37 61.90 -4.85
C ASP D 360 46.80 63.02 -5.78
N ALA D 361 46.47 62.90 -7.06
CA ALA D 361 46.77 63.93 -8.04
C ALA D 361 45.74 65.05 -8.05
N LYS D 362 44.66 64.93 -7.28
CA LYS D 362 43.68 66.01 -7.18
C LYS D 362 44.32 67.27 -6.62
N GLU D 363 45.11 67.11 -5.55
CA GLU D 363 45.85 68.24 -5.00
C GLU D 363 47.07 68.58 -5.86
N LEU D 364 47.70 67.58 -6.48
CA LEU D 364 48.85 67.83 -7.34
C LEU D 364 48.47 68.70 -8.54
N LEU D 365 47.34 68.38 -9.18
CA LEU D 365 46.86 69.21 -10.28
C LEU D 365 46.47 70.60 -9.80
N GLU D 366 45.79 70.68 -8.66
CA GLU D 366 45.37 71.97 -8.12
C GLU D 366 46.57 72.81 -7.70
N SER D 367 47.67 72.16 -7.30
CA SER D 367 48.86 72.89 -6.89
C SER D 367 49.45 73.70 -8.03
N SER D 368 49.32 73.20 -9.27
CA SER D 368 49.87 73.92 -10.42
C SER D 368 49.21 75.27 -10.62
N ASP D 369 47.89 75.36 -10.44
CA ASP D 369 47.19 76.62 -10.65
C ASP D 369 47.60 77.67 -9.62
N GLN D 370 47.95 77.23 -8.40
CA GLN D 370 48.26 78.18 -7.33
C GLN D 370 49.50 78.99 -7.67
N ILE D 371 50.54 78.36 -8.20
CA ILE D 371 51.76 79.10 -8.52
C ILE D 371 51.54 79.99 -9.74
N LEU D 372 50.60 79.63 -10.61
CA LEU D 372 50.32 80.42 -11.80
C LEU D 372 49.71 81.77 -11.44
N MET E 29 55.59 92.00 -25.58
CA MET E 29 55.99 91.81 -26.97
C MET E 29 55.28 90.62 -27.60
N LEU E 30 55.92 90.03 -28.61
CA LEU E 30 55.34 88.87 -29.28
C LEU E 30 55.31 87.66 -28.34
N ASN E 31 56.34 87.49 -27.52
CA ASN E 31 56.37 86.36 -26.59
C ASN E 31 55.30 86.50 -25.51
N SER E 32 54.94 87.74 -25.14
CA SER E 32 53.91 87.93 -24.13
C SER E 32 52.57 87.37 -24.58
N GLN E 33 52.18 87.63 -25.83
CA GLN E 33 50.96 87.03 -26.37
C GLN E 33 51.09 85.52 -26.48
N ALA E 34 52.27 85.03 -26.91
CA ALA E 34 52.48 83.60 -27.01
C ALA E 34 52.39 82.92 -25.65
N ILE E 35 52.97 83.53 -24.63
CA ILE E 35 52.94 82.94 -23.29
C ILE E 35 51.52 83.01 -22.72
N ASP E 36 50.83 84.14 -22.93
CA ASP E 36 49.46 84.26 -22.44
C ASP E 36 48.54 83.23 -23.06
N ASN E 37 48.66 83.02 -24.38
CA ASN E 37 47.86 81.98 -25.02
C ASN E 37 48.25 80.59 -24.51
N LEU E 38 49.55 80.36 -24.32
CA LEU E 38 49.98 79.10 -23.73
C LEU E 38 49.47 78.95 -22.31
N ARG E 39 49.50 80.04 -21.53
CA ARG E 39 48.94 79.98 -20.18
C ARG E 39 47.44 79.70 -20.21
N ALA E 40 46.72 80.35 -21.12
CA ALA E 40 45.29 80.08 -21.24
C ALA E 40 45.04 78.66 -21.71
N SER E 41 45.84 78.17 -22.67
CA SER E 41 45.68 76.80 -23.14
C SER E 41 46.00 75.80 -22.04
N LEU E 42 47.06 76.06 -21.26
CA LEU E 42 47.41 75.17 -20.16
C LEU E 42 46.33 75.18 -19.08
N GLU E 43 45.74 76.36 -18.81
CA GLU E 43 44.71 76.46 -17.80
C GLU E 43 43.50 75.60 -18.15
N THR E 44 43.12 75.58 -19.43
CA THR E 44 41.98 74.77 -19.86
C THR E 44 42.26 73.28 -19.64
N THR E 45 43.48 72.84 -19.93
CA THR E 45 43.82 71.43 -19.74
C THR E 45 43.74 71.01 -18.28
N ASN E 46 43.99 71.95 -17.36
CA ASN E 46 43.81 71.64 -15.94
C ASN E 46 42.36 71.32 -15.63
N GLN E 47 41.41 72.09 -16.20
CA GLN E 47 40.01 71.75 -16.07
C GLN E 47 39.68 70.46 -16.81
N ALA E 48 40.37 70.19 -17.92
CA ALA E 48 40.11 68.96 -18.67
C ALA E 48 40.46 67.72 -17.85
N ILE E 49 41.60 67.75 -17.16
CA ILE E 49 42.02 66.61 -16.36
C ILE E 49 41.07 66.39 -15.19
N GLU E 50 40.65 67.48 -14.53
CA GLU E 50 39.80 67.34 -13.35
C GLU E 50 38.46 66.71 -13.71
N ALA E 51 37.94 67.01 -14.90
CA ALA E 51 36.71 66.36 -15.35
C ALA E 51 36.91 64.86 -15.54
N ILE E 52 38.06 64.46 -16.08
CA ILE E 52 38.39 63.05 -16.20
C ILE E 52 38.50 62.41 -14.82
N ARG E 53 39.06 63.14 -13.86
CA ARG E 53 39.22 62.61 -12.51
C ARG E 53 37.86 62.31 -11.87
N GLN E 54 36.89 63.21 -12.03
CA GLN E 54 35.57 62.97 -11.48
C GLN E 54 34.85 61.85 -12.21
N ALA E 55 35.10 61.70 -13.52
CA ALA E 55 34.57 60.56 -14.25
C ALA E 55 35.16 59.26 -13.71
N GLY E 56 36.44 59.28 -13.34
CA GLY E 56 37.04 58.12 -12.70
C GLY E 56 36.40 57.80 -11.37
N GLN E 57 35.97 58.81 -10.62
CA GLN E 57 35.25 58.57 -9.37
C GLN E 57 33.95 57.82 -9.62
N GLY E 58 33.23 58.19 -10.68
CA GLY E 58 31.99 57.51 -10.98
C GLY E 58 32.18 56.04 -11.32
N MET E 59 33.28 55.73 -12.01
CA MET E 59 33.55 54.33 -12.35
C MET E 59 33.80 53.49 -11.10
N ILE E 60 34.52 54.04 -10.13
CA ILE E 60 34.82 53.29 -8.91
C ILE E 60 33.53 52.96 -8.16
N LEU E 61 32.65 53.95 -8.02
CA LEU E 61 31.38 53.72 -7.34
C LEU E 61 30.51 52.74 -8.13
N ALA E 62 30.53 52.83 -9.45
CA ALA E 62 29.77 51.89 -10.27
C ALA E 62 30.30 50.47 -10.11
N VAL E 63 31.62 50.30 -10.11
CA VAL E 63 32.20 48.98 -9.92
C VAL E 63 31.93 48.49 -8.49
N GLN E 64 32.08 49.37 -7.51
CA GLN E 64 31.76 48.99 -6.13
C GLN E 64 30.29 48.64 -5.97
N GLY E 65 29.41 49.39 -6.64
CA GLY E 65 27.99 49.07 -6.59
C GLY E 65 27.68 47.71 -7.21
N VAL E 66 28.40 47.36 -8.27
CA VAL E 66 28.25 46.03 -8.86
C VAL E 66 28.72 44.97 -7.88
N GLN E 67 29.87 45.19 -7.24
CA GLN E 67 30.38 44.22 -6.27
C GLN E 67 29.46 44.10 -5.06
N ASP E 68 28.91 45.22 -4.59
CA ASP E 68 28.01 45.17 -3.45
C ASP E 68 26.74 44.38 -3.78
N TYR E 69 26.23 44.53 -5.00
CA TYR E 69 25.04 43.78 -5.39
C TYR E 69 25.30 42.28 -5.38
N ILE E 70 26.47 41.86 -5.85
CA ILE E 70 26.79 40.43 -5.89
C ILE E 70 26.88 39.85 -4.49
N ASN E 71 27.57 40.55 -3.58
CA ASN E 71 27.74 40.03 -2.23
C ASN E 71 26.51 40.19 -1.35
N ASN E 72 25.58 41.08 -1.71
CA ASN E 72 24.42 41.34 -0.85
C ASN E 72 23.17 40.62 -1.29
N GLU E 73 22.92 40.47 -2.59
CA GLU E 73 21.67 39.89 -3.06
C GLU E 73 21.84 38.75 -4.06
N LEU E 74 23.06 38.39 -4.43
CA LEU E 74 23.29 37.22 -5.27
C LEU E 74 23.87 36.04 -4.49
N ILE E 75 24.98 36.25 -3.79
CA ILE E 75 25.54 35.18 -2.95
C ILE E 75 24.56 34.73 -1.86
N PRO E 76 23.94 35.62 -1.09
CA PRO E 76 22.94 35.15 -0.11
C PRO E 76 21.76 34.45 -0.76
N SER E 77 21.34 34.90 -1.95
CA SER E 77 20.19 34.30 -2.60
C SER E 77 20.54 32.92 -3.17
N MET E 78 21.77 32.76 -3.67
CA MET E 78 22.16 31.46 -4.20
C MET E 78 22.41 30.45 -3.07
N ASN E 79 22.97 30.91 -1.95
CA ASN E 79 23.15 30.02 -0.81
C ASN E 79 21.82 29.55 -0.25
N GLN E 80 20.82 30.43 -0.24
CA GLN E 80 19.48 30.02 0.15
C GLN E 80 18.91 29.02 -0.84
N LEU E 81 19.16 29.23 -2.13
CA LEU E 81 18.74 28.26 -3.14
C LEU E 81 19.45 26.92 -2.95
N SER E 82 20.75 26.97 -2.66
CA SER E 82 21.49 25.73 -2.41
C SER E 82 21.04 25.05 -1.12
N CYS E 83 20.77 25.85 -0.08
CA CYS E 83 20.28 25.29 1.17
C CYS E 83 18.90 24.67 1.00
N ASP E 84 18.02 25.32 0.24
CA ASP E 84 16.69 24.78 0.00
C ASP E 84 16.76 23.47 -0.78
N LEU E 85 17.67 23.38 -1.75
CA LEU E 85 17.77 22.18 -2.56
C LEU E 85 18.34 21.00 -1.80
N ILE E 86 19.23 21.25 -0.83
CA ILE E 86 19.75 20.18 0.00
C ILE E 86 18.64 19.56 0.85
N GLY E 87 17.77 20.40 1.42
CA GLY E 87 16.65 19.88 2.17
C GLY E 87 15.68 19.11 1.30
N GLN E 88 15.47 19.57 0.07
CA GLN E 88 14.60 18.84 -0.86
C GLN E 88 15.19 17.50 -1.25
N LYS E 89 16.52 17.42 -1.37
CA LYS E 89 17.15 16.15 -1.71
C LYS E 89 16.96 15.13 -0.59
N LEU E 90 17.11 15.56 0.66
CA LEU E 90 16.92 14.65 1.79
C LEU E 90 15.45 14.23 1.93
N GLY E 91 14.54 15.18 1.74
CA GLY E 91 13.12 14.85 1.85
C GLY E 91 12.68 13.82 0.83
N LEU E 92 13.24 13.87 -0.37
CA LEU E 92 12.93 12.87 -1.39
C LEU E 92 13.54 11.52 -1.04
N LYS E 93 14.75 11.52 -0.47
CA LYS E 93 15.35 10.28 -0.01
C LYS E 93 14.54 9.67 1.12
N LEU E 94 14.08 10.50 2.06
CA LEU E 94 13.28 9.99 3.18
C LEU E 94 11.95 9.43 2.71
N LEU E 95 11.28 10.11 1.79
CA LEU E 95 9.98 9.63 1.31
C LEU E 95 10.14 8.35 0.51
N ARG E 96 11.22 8.24 -0.28
CA ARG E 96 11.46 7.00 -1.02
C ARG E 96 11.73 5.83 -0.10
N TYR E 97 12.39 6.09 1.05
CA TYR E 97 12.60 5.03 2.02
C TYR E 97 11.29 4.57 2.65
N TYR E 98 10.41 5.51 2.98
CA TYR E 98 9.12 5.13 3.55
C TYR E 98 8.27 4.36 2.55
N THR E 99 8.28 4.77 1.28
CA THR E 99 7.55 4.04 0.25
C THR E 99 8.07 2.62 0.09
N GLU E 100 9.38 2.43 0.30
CA GLU E 100 9.93 1.08 0.33
C GLU E 100 9.42 0.30 1.54
N ILE E 101 9.33 0.95 2.70
CA ILE E 101 8.82 0.29 3.89
C ILE E 101 7.33 0.01 3.75
N LEU E 102 6.57 0.98 3.21
CA LEU E 102 5.15 0.75 2.95
C LEU E 102 4.95 -0.35 1.91
N SER E 103 5.86 -0.45 0.94
CA SER E 103 5.76 -1.48 -0.08
C SER E 103 5.94 -2.88 0.52
N LEU E 104 6.88 -3.01 1.46
CA LEU E 104 7.19 -4.31 2.05
C LEU E 104 6.33 -4.64 3.25
N PHE E 105 6.21 -3.71 4.20
CA PHE E 105 5.56 -3.96 5.48
C PHE E 105 4.23 -3.23 5.59
N GLY E 106 3.54 -3.03 4.48
CA GLY E 106 2.28 -2.32 4.45
C GLY E 106 1.19 -2.93 5.29
N PRO E 107 0.83 -4.19 5.01
CA PRO E 107 -0.27 -4.82 5.77
C PRO E 107 0.01 -4.93 7.26
N SER E 108 1.29 -5.00 7.67
CA SER E 108 1.59 -5.08 9.10
C SER E 108 1.35 -3.76 9.80
N LEU E 109 1.69 -2.65 9.15
CA LEU E 109 1.48 -1.34 9.76
C LEU E 109 0.01 -1.05 9.98
N ARG E 110 -0.83 -1.41 9.00
CA ARG E 110 -2.27 -1.18 9.12
C ARG E 110 -2.94 -2.20 10.04
N ASP E 111 -2.37 -3.40 10.16
CA ASP E 111 -2.93 -4.47 10.98
C ASP E 111 -1.84 -4.98 11.91
N PRO E 112 -1.72 -4.37 13.10
CA PRO E 112 -0.68 -4.81 14.03
C PRO E 112 -1.00 -6.08 14.80
N ILE E 113 -2.21 -6.62 14.68
CA ILE E 113 -2.58 -7.82 15.43
C ILE E 113 -2.18 -9.09 14.69
N SER E 114 -2.52 -9.18 13.41
CA SER E 114 -2.18 -10.36 12.63
C SER E 114 -2.26 -10.01 11.16
N ALA E 115 -1.13 -10.05 10.46
CA ALA E 115 -1.09 -9.75 9.03
C ALA E 115 -0.09 -10.66 8.36
N GLU E 116 -0.36 -11.00 7.10
CA GLU E 116 0.56 -11.80 6.32
C GLU E 116 1.78 -10.99 5.91
N ILE E 117 2.92 -11.66 5.83
CA ILE E 117 4.15 -10.99 5.42
C ILE E 117 4.32 -11.14 3.91
N SER E 118 5.03 -10.17 3.32
CA SER E 118 5.28 -10.18 1.89
C SER E 118 6.45 -11.12 1.56
N ILE E 119 6.56 -11.44 0.27
CA ILE E 119 7.67 -12.28 -0.17
C ILE E 119 9.00 -11.57 -0.01
N GLN E 120 9.00 -10.24 -0.10
CA GLN E 120 10.23 -9.47 0.11
C GLN E 120 10.65 -9.47 1.57
N ALA E 121 9.68 -9.40 2.48
CA ALA E 121 10.00 -9.43 3.90
C ALA E 121 10.44 -10.81 4.35
N LEU E 122 9.83 -11.86 3.80
CA LEU E 122 10.27 -13.22 4.12
C LEU E 122 11.68 -13.48 3.65
N SER E 123 12.02 -13.00 2.45
CA SER E 123 13.37 -13.19 1.93
C SER E 123 14.40 -12.49 2.81
N TYR E 124 14.09 -11.28 3.27
CA TYR E 124 15.03 -10.53 4.10
C TYR E 124 15.18 -11.15 5.47
N ALA E 125 14.09 -11.64 6.06
CA ALA E 125 14.14 -12.13 7.43
C ALA E 125 15.07 -13.32 7.57
N LEU E 126 15.01 -14.27 6.65
CA LEU E 126 15.82 -15.48 6.68
C LEU E 126 16.92 -15.35 5.63
N GLY E 127 18.05 -14.76 6.04
CA GLY E 127 19.12 -14.54 5.08
C GLY E 127 18.77 -13.43 4.12
N GLY E 128 19.10 -13.64 2.85
CA GLY E 128 18.76 -12.68 1.82
C GLY E 128 18.35 -13.34 0.52
N ASP E 129 17.87 -14.59 0.61
CA ASP E 129 17.57 -15.37 -0.57
C ASP E 129 16.48 -16.38 -0.22
N ILE E 130 15.78 -16.85 -1.25
CA ILE E 130 14.76 -17.87 -1.03
C ILE E 130 15.41 -19.23 -0.81
N ASN E 131 16.61 -19.46 -1.34
CA ASN E 131 17.32 -20.70 -1.07
C ASN E 131 17.67 -20.83 0.40
N LYS E 132 18.09 -19.73 1.03
CA LYS E 132 18.31 -19.74 2.47
C LYS E 132 17.00 -19.86 3.23
N VAL E 133 15.92 -19.32 2.67
CA VAL E 133 14.61 -19.47 3.29
C VAL E 133 14.19 -20.93 3.31
N LEU E 134 14.41 -21.63 2.18
CA LEU E 134 13.98 -23.02 2.09
C LEU E 134 14.78 -23.92 3.03
N GLU E 135 16.09 -23.70 3.13
CA GLU E 135 16.91 -24.57 3.97
C GLU E 135 16.70 -24.28 5.45
N LYS E 136 16.61 -23.00 5.82
CA LYS E 136 16.41 -22.66 7.23
C LYS E 136 15.06 -23.15 7.74
N LEU E 137 14.01 -23.00 6.94
CA LEU E 137 12.68 -23.43 7.34
C LEU E 137 12.41 -24.90 7.04
N GLY E 138 13.28 -25.57 6.29
CA GLY E 138 13.04 -26.96 5.96
C GLY E 138 11.96 -27.20 4.93
N TYR E 139 11.66 -26.21 4.09
CA TYR E 139 10.65 -26.36 3.06
C TYR E 139 11.26 -26.97 1.80
N SER E 140 10.38 -27.35 0.87
CA SER E 140 10.79 -28.09 -0.31
C SER E 140 10.44 -27.39 -1.62
N GLY E 141 10.12 -26.11 -1.58
CA GLY E 141 9.69 -25.42 -2.79
C GLY E 141 8.21 -25.58 -3.06
N GLY E 142 7.74 -26.83 -3.07
CA GLY E 142 6.30 -27.08 -3.09
C GLY E 142 5.63 -26.90 -1.75
N ASP E 143 6.40 -26.98 -0.66
CA ASP E 143 5.86 -26.65 0.66
C ASP E 143 5.63 -25.15 0.79
N LEU E 144 6.55 -24.35 0.25
CA LEU E 144 6.38 -22.89 0.30
C LEU E 144 5.23 -22.44 -0.57
N LEU E 145 4.98 -23.13 -1.69
CA LEU E 145 3.84 -22.78 -2.53
C LEU E 145 2.54 -22.99 -1.79
N GLY E 146 2.42 -24.09 -1.04
CA GLY E 146 1.22 -24.33 -0.27
C GLY E 146 1.08 -23.47 0.96
N ILE E 147 2.19 -22.94 1.47
CA ILE E 147 2.13 -22.05 2.63
C ILE E 147 1.85 -20.62 2.19
N LEU E 148 2.46 -20.18 1.10
CA LEU E 148 2.21 -18.83 0.59
C LEU E 148 0.78 -18.68 0.11
N GLU E 149 0.23 -19.72 -0.53
CA GLU E 149 -1.12 -19.62 -1.07
C GLU E 149 -2.18 -19.74 0.02
N SER E 150 -1.89 -20.45 1.11
CA SER E 150 -2.80 -20.55 2.24
C SER E 150 -2.61 -19.45 3.26
N ARG E 151 -1.59 -18.60 3.08
CA ARG E 151 -1.29 -17.48 3.99
C ARG E 151 -1.08 -18.00 5.41
N GLY E 152 -0.08 -18.85 5.56
CA GLY E 152 0.22 -19.45 6.86
C GLY E 152 1.19 -18.68 7.70
N ILE E 153 1.96 -17.79 7.09
CA ILE E 153 2.95 -16.99 7.80
C ILE E 153 2.33 -15.66 8.17
N LYS E 154 2.30 -15.36 9.46
CA LYS E 154 1.67 -14.15 9.97
C LYS E 154 2.66 -13.37 10.82
N ALA E 155 2.54 -12.05 10.79
CA ALA E 155 3.37 -11.17 11.57
C ALA E 155 2.53 -10.39 12.56
N ARG E 156 3.10 -10.15 13.74
CA ARG E 156 2.43 -9.40 14.79
C ARG E 156 3.41 -8.37 15.34
N ILE E 157 2.95 -7.12 15.44
CA ILE E 157 3.78 -6.06 16.00
C ILE E 157 3.72 -6.14 17.52
N THR E 158 4.87 -6.37 18.16
CA THR E 158 4.93 -6.54 19.59
C THR E 158 5.52 -5.35 20.32
N HIS E 159 6.12 -4.39 19.62
CA HIS E 159 6.72 -3.24 20.26
C HIS E 159 6.80 -2.09 19.28
N VAL E 160 6.36 -0.90 19.71
CA VAL E 160 6.49 0.32 18.95
C VAL E 160 7.20 1.35 19.82
N ASP E 161 8.28 1.92 19.30
CA ASP E 161 9.06 2.92 20.01
C ASP E 161 8.93 4.23 19.24
N THR E 162 8.06 5.12 19.71
CA THR E 162 7.85 6.40 19.04
C THR E 162 8.97 7.39 19.31
N GLU E 163 9.76 7.17 20.38
CA GLU E 163 10.88 8.06 20.65
C GLU E 163 11.96 7.95 19.60
N SER E 164 12.28 6.73 19.16
CA SER E 164 13.32 6.49 18.17
C SER E 164 12.79 5.92 16.87
N TYR E 165 11.47 5.75 16.74
CA TYR E 165 10.80 5.43 15.48
C TYR E 165 11.30 4.10 14.91
N PHE E 166 11.01 3.03 15.66
CA PHE E 166 11.18 1.69 15.13
C PHE E 166 10.08 0.80 15.71
N ILE E 167 9.76 -0.27 14.99
CA ILE E 167 8.77 -1.25 15.41
C ILE E 167 9.43 -2.62 15.38
N VAL E 168 9.09 -3.45 16.36
CA VAL E 168 9.55 -4.82 16.43
C VAL E 168 8.45 -5.73 15.90
N LEU E 169 8.78 -6.54 14.91
CA LEU E 169 7.80 -7.40 14.24
C LEU E 169 8.13 -8.86 14.57
N SER E 170 7.13 -9.58 15.05
CA SER E 170 7.28 -10.99 15.42
C SER E 170 6.63 -11.86 14.35
N ILE E 171 7.40 -12.78 13.79
CA ILE E 171 6.95 -13.60 12.67
C ILE E 171 6.86 -15.05 13.13
N ALA E 172 5.75 -15.71 12.80
CA ALA E 172 5.54 -17.12 13.10
C ALA E 172 5.66 -17.93 11.83
N TYR E 173 6.47 -18.98 11.87
CA TYR E 173 6.75 -19.81 10.70
C TYR E 173 6.11 -21.17 10.89
N PRO E 174 5.16 -21.58 10.04
CA PRO E 174 4.56 -22.90 10.20
C PRO E 174 5.57 -24.02 9.99
N THR E 175 5.38 -25.11 10.72
CA THR E 175 6.14 -26.34 10.54
C THR E 175 5.19 -27.43 10.06
N LEU E 176 5.60 -28.16 9.03
CA LEU E 176 4.74 -29.12 8.35
C LEU E 176 5.25 -30.54 8.55
N SER E 177 4.32 -31.45 8.83
CA SER E 177 4.60 -32.88 8.87
C SER E 177 3.73 -33.59 7.86
N GLU E 178 4.36 -34.40 7.01
CA GLU E 178 3.64 -35.14 5.97
C GLU E 178 3.42 -36.57 6.42
N ILE E 179 2.16 -37.01 6.37
CA ILE E 179 1.82 -38.40 6.64
C ILE E 179 2.01 -39.16 5.33
N LYS E 180 3.04 -40.00 5.29
CA LYS E 180 3.42 -40.65 4.04
C LYS E 180 2.39 -41.71 3.65
N GLY E 181 2.02 -41.71 2.37
CA GLY E 181 1.09 -42.67 1.84
C GLY E 181 -0.37 -42.24 1.85
N VAL E 182 -0.68 -41.12 2.49
CA VAL E 182 -2.06 -40.65 2.58
C VAL E 182 -2.36 -39.73 1.42
N ILE E 183 -3.46 -40.00 0.71
CA ILE E 183 -3.88 -39.23 -0.45
C ILE E 183 -5.31 -38.78 -0.22
N VAL E 184 -5.58 -37.49 -0.43
CA VAL E 184 -6.91 -36.91 -0.21
C VAL E 184 -7.61 -36.78 -1.55
N HIS E 185 -8.83 -37.30 -1.62
CA HIS E 185 -9.63 -37.29 -2.85
C HIS E 185 -10.85 -36.42 -2.65
N ARG E 186 -11.14 -35.56 -3.62
CA ARG E 186 -12.35 -34.76 -3.61
C ARG E 186 -13.41 -35.43 -4.47
N LEU E 187 -14.60 -35.61 -3.92
CA LEU E 187 -15.71 -36.27 -4.60
C LEU E 187 -16.79 -35.26 -4.92
N GLU E 188 -17.27 -35.29 -6.16
CA GLU E 188 -18.36 -34.42 -6.60
C GLU E 188 -19.43 -35.29 -7.24
N GLY E 189 -20.66 -35.14 -6.77
CA GLY E 189 -21.75 -35.98 -7.21
C GLY E 189 -22.65 -35.30 -8.23
N VAL E 190 -23.41 -36.13 -8.95
CA VAL E 190 -24.39 -35.66 -9.93
C VAL E 190 -25.51 -36.70 -9.96
N SER E 191 -26.71 -36.24 -10.32
CA SER E 191 -27.83 -37.16 -10.40
C SER E 191 -27.68 -38.06 -11.62
N TYR E 192 -28.36 -39.20 -11.58
CA TYR E 192 -28.33 -40.16 -12.67
C TYR E 192 -29.71 -40.80 -12.78
N ASN E 193 -30.01 -41.31 -13.98
CA ASN E 193 -31.32 -41.86 -14.29
C ASN E 193 -31.26 -43.37 -14.42
N ILE E 194 -32.26 -44.04 -13.86
CA ILE E 194 -32.47 -45.47 -14.07
C ILE E 194 -33.82 -45.59 -14.76
N GLY E 195 -33.82 -45.60 -16.08
CA GLY E 195 -35.06 -45.54 -16.82
C GLY E 195 -35.66 -44.15 -16.79
N SER E 196 -36.78 -43.99 -16.07
CA SER E 196 -37.45 -42.72 -15.93
C SER E 196 -37.38 -42.17 -14.51
N GLN E 197 -36.53 -42.74 -13.66
CA GLN E 197 -36.39 -42.32 -12.27
C GLN E 197 -35.01 -41.71 -12.06
N GLU E 198 -34.97 -40.60 -11.34
CA GLU E 198 -33.73 -39.87 -11.09
C GLU E 198 -33.28 -40.10 -9.66
N TRP E 199 -32.01 -40.48 -9.49
CA TRP E 199 -31.45 -40.83 -8.19
C TRP E 199 -30.28 -39.91 -7.87
N TYR E 200 -29.80 -40.02 -6.63
CA TYR E 200 -28.68 -39.23 -6.15
C TYR E 200 -27.97 -39.99 -5.05
N THR E 201 -26.66 -40.13 -5.17
CA THR E 201 -25.85 -40.88 -4.22
C THR E 201 -25.20 -39.92 -3.23
N THR E 202 -25.31 -40.23 -1.95
CA THR E 202 -24.75 -39.40 -0.89
C THR E 202 -23.36 -39.91 -0.52
N VAL E 203 -22.34 -39.12 -0.79
CA VAL E 203 -20.97 -39.45 -0.43
C VAL E 203 -20.33 -38.24 0.22
N PRO E 204 -19.30 -38.43 1.04
CA PRO E 204 -18.59 -37.28 1.62
C PRO E 204 -17.86 -36.49 0.55
N LYS E 205 -17.69 -35.19 0.82
CA LYS E 205 -17.00 -34.33 -0.12
C LYS E 205 -15.52 -34.69 -0.24
N TYR E 206 -14.93 -35.23 0.83
CA TYR E 206 -13.52 -35.60 0.85
C TYR E 206 -13.36 -36.98 1.47
N VAL E 207 -12.44 -37.76 0.90
CA VAL E 207 -12.02 -39.03 1.48
C VAL E 207 -10.50 -39.09 1.42
N ALA E 208 -9.94 -39.99 2.21
CA ALA E 208 -8.49 -40.19 2.26
C ALA E 208 -8.17 -41.67 2.19
N THR E 209 -7.10 -42.01 1.47
CA THR E 209 -6.67 -43.39 1.32
C THR E 209 -5.19 -43.51 1.70
N GLN E 210 -4.86 -44.64 2.33
CA GLN E 210 -3.48 -44.98 2.67
C GLN E 210 -3.26 -46.42 2.21
N GLY E 211 -2.80 -46.58 0.98
CA GLY E 211 -2.66 -47.92 0.42
C GLY E 211 -4.02 -48.51 0.11
N TYR E 212 -4.44 -49.50 0.88
CA TYR E 212 -5.74 -50.12 0.73
C TYR E 212 -6.76 -49.63 1.75
N LEU E 213 -6.37 -48.74 2.65
CA LEU E 213 -7.25 -48.24 3.70
C LEU E 213 -7.93 -46.96 3.24
N ILE E 214 -9.19 -46.79 3.66
CA ILE E 214 -9.97 -45.60 3.34
C ILE E 214 -10.47 -44.99 4.63
N SER E 215 -10.36 -43.68 4.76
CA SER E 215 -10.85 -42.96 5.93
C SER E 215 -11.62 -41.73 5.50
N ASN E 216 -12.27 -41.11 6.48
CA ASN E 216 -12.96 -39.85 6.25
C ASN E 216 -11.97 -38.68 6.32
N PHE E 217 -12.45 -37.51 5.96
CA PHE E 217 -11.59 -36.33 5.92
C PHE E 217 -12.42 -35.10 6.25
N ASP E 218 -11.91 -34.25 7.13
CA ASP E 218 -12.58 -33.03 7.56
C ASP E 218 -11.84 -31.84 6.96
N GLU E 219 -12.53 -31.08 6.12
CA GLU E 219 -11.92 -29.97 5.39
C GLU E 219 -12.08 -28.63 6.08
N SER E 220 -12.50 -28.63 7.35
CA SER E 220 -12.78 -27.37 8.03
C SER E 220 -11.54 -26.49 8.14
N SER E 221 -10.40 -27.10 8.48
CA SER E 221 -9.16 -26.36 8.72
C SER E 221 -8.12 -26.61 7.63
N CYS E 222 -8.53 -27.08 6.47
CA CYS E 222 -7.62 -27.48 5.41
C CYS E 222 -7.77 -26.58 4.19
N THR E 223 -6.76 -26.63 3.33
CA THR E 223 -6.73 -25.89 2.08
C THR E 223 -6.35 -26.85 0.96
N PHE E 224 -7.33 -27.24 0.15
CA PHE E 224 -7.08 -28.20 -0.92
C PHE E 224 -6.29 -27.55 -2.04
N MET E 225 -5.13 -28.11 -2.36
CA MET E 225 -4.25 -27.59 -3.38
C MET E 225 -3.66 -28.77 -4.16
N PRO E 226 -3.26 -28.55 -5.42
CA PRO E 226 -2.70 -29.66 -6.21
C PRO E 226 -1.45 -30.27 -5.60
N GLU E 227 -0.61 -29.46 -4.97
CA GLU E 227 0.63 -29.98 -4.39
C GLU E 227 0.38 -30.76 -3.11
N GLY E 228 -0.67 -30.44 -2.38
CA GLY E 228 -1.00 -31.13 -1.15
C GLY E 228 -1.81 -30.24 -0.22
N THR E 229 -2.67 -30.88 0.58
CA THR E 229 -3.51 -30.16 1.52
C THR E 229 -2.74 -29.87 2.79
N VAL E 230 -2.79 -28.62 3.24
CA VAL E 230 -2.16 -28.19 4.48
C VAL E 230 -3.27 -27.91 5.48
N CYS E 231 -3.32 -28.73 6.53
CA CYS E 231 -4.36 -28.64 7.54
C CYS E 231 -3.76 -28.13 8.85
N SER E 232 -4.39 -27.12 9.44
CA SER E 232 -3.90 -26.58 10.70
C SER E 232 -4.21 -27.50 11.87
N GLN E 233 -5.26 -28.30 11.75
CA GLN E 233 -5.65 -29.28 12.77
C GLN E 233 -5.81 -30.64 12.10
N ASN E 234 -6.13 -31.64 12.90
CA ASN E 234 -6.32 -32.98 12.36
C ASN E 234 -7.57 -33.05 11.50
N ALA E 235 -7.50 -33.85 10.43
CA ALA E 235 -8.61 -34.01 9.50
C ALA E 235 -9.02 -35.46 9.31
N LEU E 236 -8.25 -36.42 9.80
CA LEU E 236 -8.48 -37.83 9.52
C LEU E 236 -9.25 -38.47 10.67
N TYR E 237 -10.39 -39.09 10.35
CA TYR E 237 -11.09 -39.93 11.30
C TYR E 237 -11.66 -41.13 10.54
N PRO E 238 -11.86 -42.26 11.23
CA PRO E 238 -12.18 -43.51 10.54
C PRO E 238 -13.51 -43.45 9.79
N MET E 239 -13.71 -44.45 8.93
CA MET E 239 -14.90 -44.59 8.11
C MET E 239 -15.63 -45.86 8.51
N SER E 240 -16.96 -45.82 8.46
CA SER E 240 -17.76 -46.96 8.85
C SER E 240 -17.58 -48.10 7.83
N PRO E 241 -17.76 -49.35 8.28
CA PRO E 241 -17.64 -50.48 7.34
C PRO E 241 -18.64 -50.42 6.20
N LEU E 242 -19.81 -49.82 6.41
CA LEU E 242 -20.81 -49.76 5.35
C LEU E 242 -20.39 -48.82 4.23
N LEU E 243 -19.82 -47.66 4.60
CA LEU E 243 -19.38 -46.72 3.58
C LEU E 243 -18.10 -47.17 2.88
N GLN E 244 -17.29 -48.01 3.54
CA GLN E 244 -16.10 -48.55 2.89
C GLN E 244 -16.47 -49.47 1.74
N GLU E 245 -17.53 -50.27 1.91
CA GLU E 245 -17.97 -51.16 0.84
C GLU E 245 -18.46 -50.37 -0.36
N CYS E 246 -19.16 -49.25 -0.12
CA CYS E 246 -19.63 -48.41 -1.22
C CYS E 246 -18.47 -47.90 -2.06
N LEU E 247 -17.42 -47.41 -1.41
CA LEU E 247 -16.30 -46.83 -2.13
C LEU E 247 -15.39 -47.89 -2.76
N ARG E 248 -15.46 -49.12 -2.29
CA ARG E 248 -14.60 -50.19 -2.80
C ARG E 248 -15.20 -50.95 -3.96
N GLY E 249 -16.42 -50.62 -4.38
CA GLY E 249 -17.00 -51.23 -5.55
C GLY E 249 -18.44 -51.67 -5.39
N SER E 250 -18.83 -52.07 -4.18
CA SER E 250 -20.19 -52.54 -3.90
C SER E 250 -21.12 -51.33 -3.85
N THR E 251 -21.47 -50.82 -5.03
CA THR E 251 -22.28 -49.61 -5.12
C THR E 251 -23.70 -49.79 -4.60
N LYS E 252 -24.16 -51.03 -4.43
CA LYS E 252 -25.48 -51.25 -3.87
C LYS E 252 -25.55 -50.97 -2.37
N SER E 253 -24.40 -50.84 -1.71
CA SER E 253 -24.37 -50.47 -0.30
C SER E 253 -24.47 -48.97 -0.08
N CYS E 254 -24.34 -48.17 -1.14
CA CYS E 254 -24.42 -46.72 -0.99
C CYS E 254 -25.86 -46.28 -0.73
N ALA E 255 -26.00 -45.12 -0.09
CA ALA E 255 -27.30 -44.56 0.21
C ALA E 255 -27.75 -43.68 -0.95
N ARG E 256 -28.89 -44.03 -1.55
CA ARG E 256 -29.43 -43.29 -2.68
C ARG E 256 -30.52 -42.33 -2.22
N THR E 257 -30.95 -41.49 -3.16
CA THR E 257 -31.98 -40.48 -2.87
C THR E 257 -32.81 -40.29 -4.13
N LEU E 258 -34.05 -40.79 -4.12
CA LEU E 258 -34.93 -40.57 -5.25
C LEU E 258 -35.33 -39.10 -5.31
N VAL E 259 -35.16 -38.51 -6.49
CA VAL E 259 -35.45 -37.08 -6.69
C VAL E 259 -36.90 -36.99 -7.14
N SER E 260 -37.81 -36.92 -6.17
CA SER E 260 -39.24 -36.77 -6.43
C SER E 260 -39.75 -35.62 -5.57
N GLY E 261 -40.22 -34.57 -6.22
CA GLY E 261 -40.59 -33.36 -5.53
C GLY E 261 -39.42 -32.46 -5.18
N SER E 262 -38.20 -32.85 -5.53
CA SER E 262 -37.00 -32.09 -5.25
C SER E 262 -36.17 -31.95 -6.51
N PHE E 263 -34.94 -31.45 -6.37
CA PHE E 263 -34.04 -31.33 -7.50
C PHE E 263 -32.61 -31.29 -7.00
N GLY E 264 -31.69 -31.64 -7.89
CA GLY E 264 -30.26 -31.59 -7.60
C GLY E 264 -29.53 -30.84 -8.70
N ASN E 265 -28.34 -31.32 -9.00
CA ASN E 265 -27.55 -30.79 -10.11
C ASN E 265 -27.46 -31.83 -11.20
N ARG E 266 -27.46 -31.38 -12.45
CA ARG E 266 -27.41 -32.28 -13.60
C ARG E 266 -26.12 -32.17 -14.38
N PHE E 267 -25.16 -31.38 -13.90
CA PHE E 267 -23.87 -31.29 -14.57
C PHE E 267 -22.79 -30.92 -13.58
N ILE E 268 -21.57 -31.38 -13.86
CA ILE E 268 -20.37 -31.03 -13.12
C ILE E 268 -19.36 -30.46 -14.11
N LEU E 269 -18.62 -29.45 -13.68
CA LEU E 269 -17.50 -28.92 -14.46
C LEU E 269 -16.21 -29.27 -13.73
N SER E 270 -15.29 -29.94 -14.43
CA SER E 270 -14.05 -30.42 -13.84
C SER E 270 -12.90 -30.06 -14.78
N GLN E 271 -12.31 -28.89 -14.56
CA GLN E 271 -11.13 -28.39 -15.29
C GLN E 271 -11.23 -28.68 -16.79
N GLY E 272 -12.27 -28.11 -17.40
CA GLY E 272 -12.44 -28.20 -18.83
C GLY E 272 -13.20 -29.41 -19.34
N ASN E 273 -13.63 -30.30 -18.45
CA ASN E 273 -14.45 -31.44 -18.82
C ASN E 273 -15.79 -31.32 -18.13
N LEU E 274 -16.87 -31.48 -18.89
CA LEU E 274 -18.22 -31.40 -18.37
C LEU E 274 -18.79 -32.79 -18.20
N ILE E 275 -19.21 -33.12 -16.97
CA ILE E 275 -19.89 -34.37 -16.68
C ILE E 275 -21.35 -34.02 -16.41
N ALA E 276 -22.24 -34.45 -17.30
CA ALA E 276 -23.64 -34.06 -17.21
C ALA E 276 -24.54 -35.28 -17.34
N ASN E 277 -25.71 -35.20 -16.72
CA ASN E 277 -26.75 -36.22 -16.85
C ASN E 277 -27.76 -35.73 -17.87
N CYS E 278 -27.44 -35.92 -19.14
CA CYS E 278 -28.26 -35.42 -20.23
C CYS E 278 -29.43 -36.34 -20.56
N ALA E 279 -29.75 -37.29 -19.69
CA ALA E 279 -30.90 -38.16 -19.90
C ALA E 279 -32.19 -37.45 -19.54
N SER E 280 -33.22 -37.68 -20.35
CA SER E 280 -34.58 -37.17 -20.17
C SER E 280 -34.69 -35.67 -20.34
N ILE E 281 -33.61 -34.97 -20.68
CA ILE E 281 -33.62 -33.53 -20.90
C ILE E 281 -32.99 -33.24 -22.25
N LEU E 282 -32.91 -31.95 -22.59
CA LEU E 282 -32.39 -31.50 -23.87
C LEU E 282 -31.05 -30.80 -23.66
N CYS E 283 -29.98 -31.40 -24.16
CA CYS E 283 -28.66 -30.80 -24.19
C CYS E 283 -28.26 -30.55 -25.63
N LYS E 284 -27.72 -29.36 -25.89
CA LYS E 284 -27.27 -29.00 -27.23
C LYS E 284 -25.95 -28.26 -27.14
N CYS E 285 -25.17 -28.36 -28.21
CA CYS E 285 -23.90 -27.65 -28.32
C CYS E 285 -24.18 -26.27 -28.89
N TYR E 286 -24.07 -25.24 -28.05
CA TYR E 286 -24.42 -23.89 -28.47
C TYR E 286 -23.53 -23.40 -29.61
N THR E 287 -22.28 -23.86 -29.67
CA THR E 287 -21.37 -23.41 -30.71
C THR E 287 -21.74 -24.01 -32.07
N THR E 288 -21.69 -25.34 -32.17
CA THR E 288 -21.99 -26.01 -33.43
C THR E 288 -23.48 -26.07 -33.73
N GLY E 289 -24.34 -25.93 -32.72
CA GLY E 289 -25.76 -26.05 -32.90
C GLY E 289 -26.30 -27.46 -32.85
N THR E 290 -25.43 -28.46 -32.72
CA THR E 290 -25.86 -29.85 -32.71
C THR E 290 -26.51 -30.19 -31.37
N ILE E 291 -27.22 -31.32 -31.36
CA ILE E 291 -27.85 -31.86 -30.15
C ILE E 291 -26.99 -32.98 -29.61
N ILE E 292 -26.67 -32.91 -28.32
CA ILE E 292 -25.89 -33.94 -27.65
C ILE E 292 -26.88 -35.01 -27.18
N ASN E 293 -26.84 -36.17 -27.83
CA ASN E 293 -27.74 -37.26 -27.51
C ASN E 293 -27.11 -38.17 -26.46
N GLN E 294 -27.89 -38.50 -25.43
CA GLN E 294 -27.45 -39.39 -24.36
C GLN E 294 -27.75 -40.82 -24.79
N ASP E 295 -26.70 -41.58 -25.12
CA ASP E 295 -26.88 -42.98 -25.45
C ASP E 295 -27.31 -43.76 -24.21
N PRO E 296 -28.38 -44.55 -24.29
CA PRO E 296 -28.92 -45.17 -23.07
C PRO E 296 -27.96 -46.12 -22.37
N ASP E 297 -26.97 -46.66 -23.08
CA ASP E 297 -26.02 -47.58 -22.44
C ASP E 297 -25.20 -46.87 -21.36
N LYS E 298 -24.81 -45.63 -21.62
CA LYS E 298 -23.98 -44.86 -20.70
C LYS E 298 -24.85 -44.09 -19.71
N ILE E 299 -24.34 -43.95 -18.49
CA ILE E 299 -25.09 -43.25 -17.44
C ILE E 299 -24.89 -41.74 -17.55
N LEU E 300 -23.64 -41.29 -17.59
CA LEU E 300 -23.31 -39.87 -17.65
C LEU E 300 -22.68 -39.54 -18.99
N THR E 301 -22.77 -38.27 -19.35
CA THR E 301 -22.20 -37.75 -20.60
C THR E 301 -20.98 -36.90 -20.28
N TYR E 302 -19.90 -37.13 -21.00
CA TYR E 302 -18.66 -36.37 -20.83
C TYR E 302 -18.44 -35.50 -22.06
N ILE E 303 -18.29 -34.21 -21.85
CA ILE E 303 -18.08 -33.24 -22.91
C ILE E 303 -16.78 -32.50 -22.65
N ALA E 304 -15.89 -32.47 -23.63
CA ALA E 304 -14.61 -31.81 -23.51
C ALA E 304 -14.71 -30.36 -23.97
N ALA E 305 -13.76 -29.54 -23.51
CA ALA E 305 -13.77 -28.12 -23.85
C ALA E 305 -13.45 -27.88 -25.32
N ASP E 306 -12.85 -28.84 -26.01
CA ASP E 306 -12.51 -28.67 -27.42
C ASP E 306 -13.68 -29.02 -28.34
N HIS E 307 -14.37 -30.12 -28.07
CA HIS E 307 -15.50 -30.52 -28.92
C HIS E 307 -16.64 -29.50 -28.82
N CYS E 308 -16.89 -28.99 -27.63
CA CYS E 308 -17.95 -27.99 -27.41
C CYS E 308 -17.50 -26.97 -26.38
N PRO E 309 -17.18 -25.74 -26.79
CA PRO E 309 -16.78 -24.74 -25.79
C PRO E 309 -17.92 -24.23 -24.94
N VAL E 310 -19.11 -24.09 -25.52
CA VAL E 310 -20.29 -23.61 -24.81
C VAL E 310 -21.39 -24.65 -24.98
N VAL E 311 -21.99 -25.07 -23.86
CA VAL E 311 -22.97 -26.14 -23.84
C VAL E 311 -24.20 -25.67 -23.09
N GLU E 312 -25.38 -26.02 -23.60
CA GLU E 312 -26.63 -25.80 -22.91
C GLU E 312 -27.14 -27.11 -22.35
N VAL E 313 -27.41 -27.14 -21.04
CA VAL E 313 -27.93 -28.31 -20.36
C VAL E 313 -29.20 -27.90 -19.61
N ASN E 314 -30.33 -28.48 -20.00
CA ASN E 314 -31.62 -28.19 -19.38
C ASN E 314 -31.95 -26.70 -19.44
N GLY E 315 -31.55 -26.04 -20.51
CA GLY E 315 -31.77 -24.62 -20.66
C GLY E 315 -30.73 -23.74 -20.02
N VAL E 316 -29.77 -24.31 -19.31
CA VAL E 316 -28.70 -23.57 -18.65
C VAL E 316 -27.48 -23.58 -19.55
N THR E 317 -26.93 -22.40 -19.84
CA THR E 317 -25.75 -22.27 -20.68
C THR E 317 -24.50 -22.38 -19.82
N ILE E 318 -23.62 -23.33 -20.16
CA ILE E 318 -22.39 -23.58 -19.43
C ILE E 318 -21.21 -23.26 -20.34
N GLN E 319 -20.24 -22.50 -19.83
CA GLN E 319 -19.03 -22.18 -20.58
C GLN E 319 -17.96 -23.22 -20.24
N VAL E 320 -17.74 -24.16 -21.15
CA VAL E 320 -16.75 -25.20 -20.94
C VAL E 320 -15.36 -24.75 -21.37
N GLY E 321 -15.27 -24.05 -22.51
CA GLY E 321 -13.99 -23.55 -22.96
C GLY E 321 -13.53 -22.34 -22.17
N SER E 322 -12.25 -22.03 -22.30
CA SER E 322 -11.63 -20.91 -21.59
C SER E 322 -11.35 -19.80 -22.58
N ARG E 323 -12.04 -18.66 -22.40
CA ARG E 323 -11.83 -17.50 -23.24
C ARG E 323 -10.55 -16.77 -22.86
N ARG E 324 -9.88 -16.21 -23.86
CA ARG E 324 -8.65 -15.46 -23.65
C ARG E 324 -8.81 -14.08 -24.25
N TYR E 325 -8.42 -13.06 -23.49
CA TYR E 325 -8.54 -11.69 -23.96
C TYR E 325 -7.17 -11.16 -24.40
N PRO E 326 -7.15 -10.20 -25.33
CA PRO E 326 -5.88 -9.67 -25.81
C PRO E 326 -5.06 -9.06 -24.69
N ASP E 327 -3.74 -9.18 -24.81
CA ASP E 327 -2.84 -8.70 -23.77
C ASP E 327 -2.94 -7.19 -23.62
N ALA E 328 -2.72 -6.73 -22.39
CA ALA E 328 -2.68 -5.32 -22.06
C ALA E 328 -1.32 -4.97 -21.47
N VAL E 329 -0.88 -3.74 -21.71
CA VAL E 329 0.42 -3.27 -21.23
C VAL E 329 0.20 -1.97 -20.48
N TYR E 330 0.76 -1.89 -19.27
CA TYR E 330 0.74 -0.67 -18.46
C TYR E 330 2.13 -0.06 -18.48
N LEU E 331 2.24 1.17 -18.96
CA LEU E 331 3.54 1.80 -19.13
C LEU E 331 3.39 3.30 -18.99
N HIS E 332 4.53 3.97 -18.81
CA HIS E 332 4.59 5.41 -18.65
C HIS E 332 5.71 5.96 -19.51
N ARG E 333 5.57 7.21 -19.91
CA ARG E 333 6.59 7.88 -20.72
C ARG E 333 6.90 9.23 -20.08
N ILE E 334 8.17 9.48 -19.82
CA ILE E 334 8.62 10.69 -19.14
C ILE E 334 9.51 11.47 -20.08
N ASP E 335 9.19 12.75 -20.28
CA ASP E 335 9.96 13.65 -21.13
C ASP E 335 10.55 14.74 -20.26
N LEU E 336 11.87 14.92 -20.35
CA LEU E 336 12.60 15.89 -19.55
C LEU E 336 13.02 17.08 -20.40
N GLY E 337 13.78 17.99 -19.78
CA GLY E 337 14.31 19.13 -20.46
C GLY E 337 15.74 19.41 -20.02
N PRO E 338 16.61 19.69 -20.99
CA PRO E 338 18.01 20.00 -20.66
C PRO E 338 18.10 21.21 -19.75
N PRO E 339 19.03 21.21 -18.81
CA PRO E 339 19.16 22.35 -17.89
C PRO E 339 19.57 23.62 -18.62
N ILE E 340 19.50 24.74 -17.90
CA ILE E 340 19.89 26.01 -18.49
C ILE E 340 21.38 25.98 -18.83
N SER E 341 21.76 26.76 -19.82
CA SER E 341 23.14 26.84 -20.28
C SER E 341 23.57 28.31 -20.25
N LEU E 342 24.26 28.70 -19.18
CA LEU E 342 24.79 30.05 -19.05
C LEU E 342 26.21 30.07 -19.64
N GLY E 343 26.40 30.85 -20.69
CA GLY E 343 27.65 30.88 -21.40
C GLY E 343 28.67 31.83 -20.78
N ARG E 344 29.81 31.93 -21.45
CA ARG E 344 30.87 32.82 -21.00
C ARG E 344 30.41 34.27 -21.06
N LEU E 345 30.86 35.07 -20.08
CA LEU E 345 30.44 36.46 -20.03
C LEU E 345 31.02 37.24 -21.22
N ASP E 346 32.32 37.08 -21.47
CA ASP E 346 32.99 37.57 -22.68
C ASP E 346 32.82 39.08 -22.85
N VAL E 347 33.42 39.82 -21.91
CA VAL E 347 33.48 41.27 -22.00
C VAL E 347 34.93 41.75 -22.09
N GLY E 348 35.85 40.84 -22.41
CA GLY E 348 37.26 41.18 -22.47
C GLY E 348 37.66 42.01 -23.66
N THR E 349 36.80 42.15 -24.68
CA THR E 349 37.13 42.95 -25.84
C THR E 349 37.18 44.44 -25.49
N ASN E 350 36.28 44.90 -24.63
CA ASN E 350 36.31 46.30 -24.21
C ASN E 350 37.45 46.55 -23.24
N LEU E 351 37.71 45.61 -22.34
CA LEU E 351 38.82 45.76 -21.40
C LEU E 351 40.15 45.80 -22.14
N GLY E 352 40.33 44.92 -23.13
CA GLY E 352 41.56 44.94 -23.91
C GLY E 352 41.73 46.22 -24.70
N ASN E 353 40.63 46.82 -25.16
CA ASN E 353 40.72 48.09 -25.88
C ASN E 353 41.26 49.19 -24.98
N ALA E 354 40.77 49.27 -23.73
CA ALA E 354 41.27 50.29 -22.81
C ALA E 354 42.70 50.01 -22.39
N ILE E 355 43.08 48.73 -22.29
CA ILE E 355 44.45 48.38 -21.93
C ILE E 355 45.43 48.89 -22.98
N ALA E 356 45.09 48.72 -24.26
CA ALA E 356 45.96 49.17 -25.33
C ALA E 356 46.13 50.68 -25.32
N LYS E 357 45.03 51.42 -25.13
CA LYS E 357 45.12 52.88 -25.15
C LYS E 357 45.82 53.42 -23.91
N LEU E 358 45.68 52.74 -22.77
CA LEU E 358 46.43 53.14 -21.59
C LEU E 358 47.93 52.95 -21.80
N GLU E 359 48.32 51.89 -22.51
CA GLU E 359 49.73 51.68 -22.83
C GLU E 359 50.27 52.80 -23.70
N ASP E 360 49.45 53.30 -24.63
CA ASP E 360 49.89 54.39 -25.50
C ASP E 360 50.19 55.65 -24.70
N ALA E 361 49.33 56.00 -23.75
CA ALA E 361 49.58 57.18 -22.93
C ALA E 361 50.80 57.01 -22.04
N LYS E 362 51.06 55.77 -21.58
CA LYS E 362 52.24 55.52 -20.77
C LYS E 362 53.51 55.80 -21.57
N GLU E 363 53.55 55.38 -22.84
CA GLU E 363 54.71 55.66 -23.68
C GLU E 363 54.76 57.13 -24.08
N LEU E 364 53.60 57.71 -24.41
CA LEU E 364 53.58 59.08 -24.93
C LEU E 364 54.01 60.09 -23.88
N LEU E 365 53.76 59.82 -22.60
CA LEU E 365 54.14 60.77 -21.55
C LEU E 365 55.66 60.91 -21.47
N GLU E 366 56.39 59.80 -21.60
CA GLU E 366 57.85 59.86 -21.53
C GLU E 366 58.43 60.68 -22.67
N SER E 367 57.83 60.59 -23.86
CA SER E 367 58.32 61.34 -25.01
C SER E 367 58.22 62.84 -24.77
N SER E 368 57.12 63.30 -24.15
CA SER E 368 56.95 64.71 -23.87
C SER E 368 58.02 65.21 -22.90
N ASP E 369 58.41 64.40 -21.93
CA ASP E 369 59.43 64.82 -20.96
C ASP E 369 60.76 65.07 -21.64
N GLN E 370 61.10 64.26 -22.66
CA GLN E 370 62.36 64.44 -23.37
C GLN E 370 62.41 65.80 -24.07
N ILE E 371 61.28 66.22 -24.65
CA ILE E 371 61.23 67.54 -25.28
C ILE E 371 61.44 68.63 -24.24
N LEU E 372 60.78 68.51 -23.09
CA LEU E 372 60.88 69.52 -22.04
C LEU E 372 62.26 69.49 -21.38
N MET F 29 64.22 88.70 -19.16
CA MET F 29 64.05 88.66 -17.71
C MET F 29 62.63 88.24 -17.34
N LEU F 30 61.65 88.99 -17.84
CA LEU F 30 60.25 88.66 -17.59
C LEU F 30 59.89 87.32 -18.21
N ASN F 31 60.34 87.07 -19.43
CA ASN F 31 60.03 85.79 -20.09
C ASN F 31 60.77 84.64 -19.42
N SER F 32 62.01 84.88 -18.97
CA SER F 32 62.80 83.81 -18.37
C SER F 32 62.14 83.25 -17.12
N GLN F 33 61.60 84.14 -16.27
CA GLN F 33 60.83 83.67 -15.12
C GLN F 33 59.55 82.98 -15.57
N ALA F 34 58.92 83.49 -16.63
CA ALA F 34 57.71 82.86 -17.15
C ALA F 34 58.00 81.48 -17.71
N ILE F 35 59.14 81.30 -18.38
CA ILE F 35 59.52 79.98 -18.87
C ILE F 35 59.71 79.02 -17.71
N ASP F 36 60.36 79.48 -16.64
CA ASP F 36 60.48 78.66 -15.45
C ASP F 36 59.11 78.39 -14.83
N ASN F 37 58.22 79.40 -14.85
CA ASN F 37 56.87 79.21 -14.36
C ASN F 37 56.14 78.13 -15.17
N LEU F 38 56.28 78.18 -16.49
CA LEU F 38 55.71 77.11 -17.32
C LEU F 38 56.48 75.80 -17.12
N ARG F 39 57.77 75.88 -16.83
CA ARG F 39 58.55 74.67 -16.57
C ARG F 39 58.02 73.92 -15.36
N ALA F 40 57.72 74.64 -14.27
CA ALA F 40 57.19 74.00 -13.07
C ALA F 40 55.75 73.58 -13.25
N SER F 41 54.95 74.44 -13.90
CA SER F 41 53.52 74.15 -14.08
C SER F 41 53.33 72.91 -14.96
N LEU F 42 54.06 72.82 -16.06
CA LEU F 42 53.95 71.65 -16.93
C LEU F 42 54.54 70.41 -16.27
N GLU F 43 55.48 70.59 -15.35
CA GLU F 43 56.11 69.45 -14.69
C GLU F 43 55.11 68.64 -13.89
N THR F 44 54.23 69.31 -13.15
CA THR F 44 53.23 68.61 -12.36
C THR F 44 52.16 67.95 -13.24
N THR F 45 51.84 68.56 -14.39
CA THR F 45 50.81 68.02 -15.25
C THR F 45 51.19 66.64 -15.77
N ASN F 46 52.45 66.43 -16.14
CA ASN F 46 52.88 65.12 -16.57
C ASN F 46 52.76 64.10 -15.44
N GLN F 47 53.11 64.49 -14.22
CA GLN F 47 52.93 63.61 -13.07
C GLN F 47 51.44 63.39 -12.79
N ALA F 48 50.61 64.41 -13.02
CA ALA F 48 49.19 64.28 -12.75
C ALA F 48 48.53 63.24 -13.65
N ILE F 49 48.86 63.23 -14.94
CA ILE F 49 48.29 62.26 -15.86
C ILE F 49 48.76 60.86 -15.52
N GLU F 50 50.02 60.73 -15.07
CA GLU F 50 50.55 59.40 -14.74
C GLU F 50 49.76 58.77 -13.60
N ALA F 51 49.41 59.57 -12.58
CA ALA F 51 48.70 59.03 -11.43
C ALA F 51 47.31 58.52 -11.81
N ILE F 52 46.56 59.32 -12.59
CA ILE F 52 45.22 58.91 -12.96
C ILE F 52 45.27 57.76 -13.97
N ARG F 53 46.30 57.71 -14.80
CA ARG F 53 46.43 56.60 -15.74
C ARG F 53 46.62 55.28 -15.00
N GLN F 54 47.50 55.26 -14.00
CA GLN F 54 47.73 54.03 -13.24
C GLN F 54 46.49 53.67 -12.42
N ALA F 55 45.76 54.68 -11.91
CA ALA F 55 44.49 54.41 -11.28
C ALA F 55 43.49 53.83 -12.28
N GLY F 56 43.58 54.23 -13.55
CA GLY F 56 42.74 53.61 -14.57
C GLY F 56 43.06 52.14 -14.74
N GLN F 57 44.34 51.77 -14.70
CA GLN F 57 44.71 50.37 -14.79
C GLN F 57 44.18 49.59 -13.59
N GLY F 58 44.07 50.24 -12.43
CA GLY F 58 43.45 49.58 -11.29
C GLY F 58 42.00 49.24 -11.52
N MET F 59 41.29 50.11 -12.25
CA MET F 59 39.89 49.83 -12.58
C MET F 59 39.78 48.61 -13.49
N ILE F 60 40.69 48.47 -14.46
CA ILE F 60 40.65 47.34 -15.37
C ILE F 60 40.81 46.04 -14.60
N LEU F 61 41.77 45.99 -13.67
CA LEU F 61 41.95 44.80 -12.85
C LEU F 61 40.73 44.54 -11.98
N ALA F 62 40.10 45.61 -11.47
CA ALA F 62 38.89 45.45 -10.68
C ALA F 62 37.76 44.86 -11.50
N VAL F 63 37.55 45.37 -12.72
CA VAL F 63 36.50 44.86 -13.58
C VAL F 63 36.82 43.44 -14.03
N GLN F 64 38.08 43.17 -14.36
CA GLN F 64 38.48 41.82 -14.73
C GLN F 64 38.28 40.84 -13.58
N GLY F 65 38.58 41.28 -12.36
CA GLY F 65 38.35 40.42 -11.21
C GLY F 65 36.89 40.11 -10.98
N VAL F 66 36.01 41.07 -11.26
CA VAL F 66 34.57 40.82 -11.22
C VAL F 66 34.18 39.79 -12.27
N GLN F 67 34.73 39.92 -13.49
CA GLN F 67 34.41 38.98 -14.55
C GLN F 67 34.87 37.57 -14.21
N ASP F 68 36.08 37.44 -13.64
CA ASP F 68 36.59 36.11 -13.29
C ASP F 68 35.71 35.44 -12.24
N TYR F 69 35.29 36.20 -11.22
CA TYR F 69 34.45 35.61 -10.19
C TYR F 69 33.11 35.14 -10.75
N ILE F 70 32.51 35.93 -11.65
CA ILE F 70 31.25 35.53 -12.26
C ILE F 70 31.44 34.30 -13.13
N ASN F 71 32.49 34.28 -13.94
CA ASN F 71 32.68 33.18 -14.88
C ASN F 71 33.16 31.91 -14.20
N ASN F 72 33.99 32.03 -13.16
CA ASN F 72 34.65 30.86 -12.58
C ASN F 72 33.95 30.32 -11.34
N GLU F 73 33.11 31.12 -10.67
CA GLU F 73 32.50 30.67 -9.42
C GLU F 73 31.00 30.88 -9.33
N LEU F 74 30.40 31.71 -10.19
CA LEU F 74 28.94 31.82 -10.23
C LEU F 74 28.33 30.94 -11.30
N ILE F 75 28.85 30.99 -12.53
CA ILE F 75 28.32 30.13 -13.60
C ILE F 75 28.48 28.65 -13.27
N PRO F 76 29.65 28.16 -12.85
CA PRO F 76 29.73 26.75 -12.44
C PRO F 76 28.79 26.40 -11.31
N SER F 77 28.61 27.30 -10.34
CA SER F 77 27.69 27.04 -9.24
C SER F 77 26.24 27.13 -9.69
N MET F 78 25.94 28.01 -10.65
CA MET F 78 24.60 28.08 -11.20
C MET F 78 24.26 26.80 -11.96
N ASN F 79 25.20 26.32 -12.78
CA ASN F 79 24.94 25.11 -13.55
C ASN F 79 24.83 23.89 -12.66
N GLN F 80 25.64 23.82 -11.60
CA GLN F 80 25.54 22.71 -10.67
C GLN F 80 24.19 22.71 -9.97
N LEU F 81 23.69 23.89 -9.59
CA LEU F 81 22.36 23.98 -9.01
C LEU F 81 21.30 23.57 -10.02
N SER F 82 21.47 23.99 -11.28
CA SER F 82 20.50 23.62 -12.32
C SER F 82 20.58 22.12 -12.63
N CYS F 83 21.79 21.56 -12.65
CA CYS F 83 21.93 20.13 -12.88
C CYS F 83 21.34 19.32 -11.73
N ASP F 84 21.57 19.75 -10.49
CA ASP F 84 21.00 19.04 -9.35
C ASP F 84 19.48 19.13 -9.33
N LEU F 85 18.93 20.27 -9.77
CA LEU F 85 17.49 20.43 -9.76
C LEU F 85 16.80 19.56 -10.81
N ILE F 86 17.47 19.33 -11.95
CA ILE F 86 16.91 18.43 -12.96
C ILE F 86 16.83 17.01 -12.43
N GLY F 87 17.86 16.58 -11.70
CA GLY F 87 17.83 15.25 -11.11
C GLY F 87 16.72 15.07 -10.10
N GLN F 88 16.47 16.09 -9.28
CA GLN F 88 15.40 16.01 -8.31
C GLN F 88 14.03 16.00 -8.96
N LYS F 89 13.87 16.69 -10.09
CA LYS F 89 12.59 16.65 -10.80
C LYS F 89 12.32 15.26 -11.35
N LEU F 90 13.32 14.59 -11.90
CA LEU F 90 13.13 13.23 -12.42
C LEU F 90 12.89 12.25 -11.29
N GLY F 91 13.61 12.40 -10.17
CA GLY F 91 13.41 11.50 -9.05
C GLY F 91 12.01 11.59 -8.46
N LEU F 92 11.41 12.78 -8.48
CA LEU F 92 10.04 12.92 -8.01
C LEU F 92 9.05 12.34 -9.00
N LYS F 93 9.31 12.50 -10.30
CA LYS F 93 8.46 11.87 -11.31
C LYS F 93 8.52 10.36 -11.22
N LEU F 94 9.71 9.80 -11.00
CA LEU F 94 9.86 8.36 -10.89
C LEU F 94 9.19 7.82 -9.63
N LEU F 95 9.31 8.56 -8.52
CA LEU F 95 8.67 8.12 -7.29
C LEU F 95 7.16 8.23 -7.36
N ARG F 96 6.64 9.24 -8.06
CA ARG F 96 5.20 9.35 -8.24
C ARG F 96 4.67 8.22 -9.11
N TYR F 97 5.45 7.76 -10.09
CA TYR F 97 5.05 6.63 -10.90
C TYR F 97 4.96 5.35 -10.07
N TYR F 98 5.97 5.10 -9.23
CA TYR F 98 5.95 3.90 -8.40
C TYR F 98 4.80 3.93 -7.40
N THR F 99 4.55 5.09 -6.79
CA THR F 99 3.44 5.20 -5.84
C THR F 99 2.10 4.93 -6.53
N GLU F 100 1.97 5.33 -7.79
CA GLU F 100 0.78 4.98 -8.56
C GLU F 100 0.72 3.48 -8.82
N ILE F 101 1.86 2.86 -9.13
CA ILE F 101 1.90 1.42 -9.34
C ILE F 101 1.64 0.67 -8.03
N LEU F 102 2.26 1.13 -6.94
CA LEU F 102 1.99 0.53 -5.64
C LEU F 102 0.53 0.71 -5.24
N SER F 103 -0.09 1.82 -5.64
CA SER F 103 -1.49 2.04 -5.33
C SER F 103 -2.40 1.06 -6.07
N LEU F 104 -2.07 0.75 -7.32
CA LEU F 104 -2.90 -0.11 -8.16
C LEU F 104 -2.56 -1.58 -8.01
N PHE F 105 -1.28 -1.94 -8.02
CA PHE F 105 -0.83 -3.32 -8.03
C PHE F 105 -0.12 -3.71 -6.74
N GLY F 106 -0.52 -3.12 -5.62
CA GLY F 106 0.13 -3.35 -4.35
C GLY F 106 0.07 -4.79 -3.88
N PRO F 107 -1.14 -5.32 -3.68
CA PRO F 107 -1.26 -6.71 -3.20
C PRO F 107 -0.60 -7.73 -4.10
N SER F 108 -0.57 -7.50 -5.42
CA SER F 108 0.07 -8.44 -6.32
C SER F 108 1.58 -8.45 -6.14
N LEU F 109 2.18 -7.28 -5.91
CA LEU F 109 3.63 -7.21 -5.72
C LEU F 109 4.04 -7.94 -4.45
N ARG F 110 3.27 -7.80 -3.37
CA ARG F 110 3.60 -8.47 -2.12
C ARG F 110 3.25 -9.95 -2.15
N ASP F 111 2.22 -10.33 -2.89
CA ASP F 111 1.77 -11.72 -2.99
C ASP F 111 1.74 -12.11 -4.46
N PRO F 112 2.82 -12.70 -4.97
CA PRO F 112 2.86 -13.08 -6.40
C PRO F 112 2.12 -14.36 -6.72
N ILE F 113 1.62 -15.09 -5.73
CA ILE F 113 0.98 -16.37 -5.99
C ILE F 113 -0.50 -16.19 -6.29
N SER F 114 -1.22 -15.47 -5.43
CA SER F 114 -2.64 -15.23 -5.65
C SER F 114 -3.05 -14.01 -4.85
N ALA F 115 -3.42 -12.94 -5.54
CA ALA F 115 -3.88 -11.72 -4.89
C ALA F 115 -5.05 -11.15 -5.68
N GLU F 116 -5.95 -10.49 -4.98
CA GLU F 116 -7.07 -9.84 -5.64
C GLU F 116 -6.60 -8.62 -6.41
N ILE F 117 -7.31 -8.30 -7.49
CA ILE F 117 -6.96 -7.18 -8.34
C ILE F 117 -7.75 -5.96 -7.90
N SER F 118 -7.23 -4.79 -8.25
CA SER F 118 -7.87 -3.53 -7.91
C SER F 118 -9.03 -3.23 -8.84
N ILE F 119 -9.93 -2.37 -8.39
CA ILE F 119 -10.96 -1.85 -9.28
C ILE F 119 -10.31 -0.97 -10.36
N GLN F 120 -9.16 -0.37 -10.05
CA GLN F 120 -8.46 0.44 -11.03
C GLN F 120 -7.76 -0.42 -12.07
N ALA F 121 -7.18 -1.54 -11.62
CA ALA F 121 -6.52 -2.46 -12.54
C ALA F 121 -7.51 -3.23 -13.40
N LEU F 122 -8.68 -3.57 -12.83
CA LEU F 122 -9.71 -4.24 -13.61
C LEU F 122 -10.23 -3.33 -14.73
N SER F 123 -10.42 -2.04 -14.42
CA SER F 123 -10.87 -1.09 -15.43
C SER F 123 -9.85 -0.95 -16.55
N TYR F 124 -8.56 -0.91 -16.20
CA TYR F 124 -7.52 -0.73 -17.21
C TYR F 124 -7.36 -1.97 -18.07
N ALA F 125 -7.45 -3.15 -17.47
CA ALA F 125 -7.20 -4.38 -18.21
C ALA F 125 -8.22 -4.57 -19.34
N LEU F 126 -9.50 -4.36 -19.05
CA LEU F 126 -10.57 -4.54 -20.02
C LEU F 126 -10.99 -3.17 -20.54
N GLY F 127 -10.27 -2.70 -21.55
CA GLY F 127 -10.55 -1.38 -22.09
C GLY F 127 -10.08 -0.30 -21.15
N GLY F 128 -10.93 0.70 -20.93
CA GLY F 128 -10.60 1.76 -20.00
C GLY F 128 -11.80 2.25 -19.22
N ASP F 129 -12.84 1.42 -19.14
CA ASP F 129 -14.10 1.84 -18.54
C ASP F 129 -14.78 0.60 -17.95
N ILE F 130 -15.66 0.84 -16.98
CA ILE F 130 -16.41 -0.25 -16.38
C ILE F 130 -17.47 -0.78 -17.36
N ASN F 131 -17.98 0.08 -18.25
CA ASN F 131 -18.93 -0.38 -19.25
C ASN F 131 -18.28 -1.38 -20.20
N LYS F 132 -17.01 -1.14 -20.56
CA LYS F 132 -16.28 -2.14 -21.33
C LYS F 132 -16.03 -3.40 -20.52
N VAL F 133 -15.82 -3.26 -19.20
CA VAL F 133 -15.62 -4.43 -18.35
C VAL F 133 -16.87 -5.30 -18.35
N LEU F 134 -18.05 -4.68 -18.23
CA LEU F 134 -19.28 -5.46 -18.16
C LEU F 134 -19.60 -6.12 -19.51
N GLU F 135 -19.35 -5.41 -20.61
CA GLU F 135 -19.65 -5.97 -21.92
C GLU F 135 -18.73 -7.14 -22.26
N LYS F 136 -17.42 -6.96 -22.07
CA LYS F 136 -16.47 -8.02 -22.42
C LYS F 136 -16.62 -9.23 -21.52
N LEU F 137 -16.83 -9.02 -20.22
CA LEU F 137 -16.98 -10.13 -19.29
C LEU F 137 -18.40 -10.69 -19.25
N GLY F 138 -19.36 -10.03 -19.87
CA GLY F 138 -20.74 -10.49 -19.82
C GLY F 138 -21.36 -10.45 -18.45
N TYR F 139 -21.10 -9.39 -17.69
CA TYR F 139 -21.66 -9.22 -16.36
C TYR F 139 -22.86 -8.29 -16.41
N SER F 140 -23.77 -8.47 -15.45
CA SER F 140 -25.02 -7.72 -15.42
C SER F 140 -24.93 -6.43 -14.61
N GLY F 141 -23.80 -6.16 -13.96
CA GLY F 141 -23.71 -5.02 -13.07
C GLY F 141 -23.94 -5.42 -11.64
N GLY F 142 -24.91 -6.31 -11.43
CA GLY F 142 -25.12 -6.92 -10.13
C GLY F 142 -24.28 -8.17 -9.98
N ASP F 143 -23.80 -8.70 -11.10
CA ASP F 143 -22.84 -9.80 -11.06
C ASP F 143 -21.46 -9.30 -10.66
N LEU F 144 -21.06 -8.12 -11.14
CA LEU F 144 -19.79 -7.54 -10.73
C LEU F 144 -19.79 -7.23 -9.24
N LEU F 145 -20.92 -6.76 -8.70
CA LEU F 145 -21.01 -6.52 -7.27
C LEU F 145 -20.81 -7.80 -6.48
N GLY F 146 -21.39 -8.90 -6.95
CA GLY F 146 -21.19 -10.17 -6.28
C GLY F 146 -19.78 -10.69 -6.41
N ILE F 147 -19.17 -10.52 -7.59
CA ILE F 147 -17.80 -10.99 -7.80
C ILE F 147 -16.82 -10.15 -7.01
N LEU F 148 -17.01 -8.82 -7.00
CA LEU F 148 -16.09 -7.95 -6.27
C LEU F 148 -16.17 -8.19 -4.76
N GLU F 149 -17.38 -8.44 -4.25
CA GLU F 149 -17.56 -8.64 -2.81
C GLU F 149 -17.06 -10.00 -2.36
N SER F 150 -17.09 -10.99 -3.24
CA SER F 150 -16.59 -12.33 -2.93
C SER F 150 -15.12 -12.50 -3.26
N ARG F 151 -14.49 -11.50 -3.89
CA ARG F 151 -13.08 -11.55 -4.27
C ARG F 151 -12.80 -12.75 -5.16
N GLY F 152 -13.49 -12.79 -6.30
CA GLY F 152 -13.38 -13.91 -7.22
C GLY F 152 -12.31 -13.74 -8.28
N ILE F 153 -11.85 -12.52 -8.51
CA ILE F 153 -10.86 -12.23 -9.53
C ILE F 153 -9.48 -12.20 -8.88
N LYS F 154 -8.61 -13.09 -9.32
CA LYS F 154 -7.26 -13.24 -8.76
C LYS F 154 -6.22 -12.96 -9.83
N ALA F 155 -5.10 -12.38 -9.41
CA ALA F 155 -3.97 -12.12 -10.29
C ALA F 155 -2.76 -12.89 -9.80
N ARG F 156 -2.06 -13.53 -10.72
CA ARG F 156 -0.86 -14.30 -10.41
C ARG F 156 0.29 -13.79 -11.28
N ILE F 157 1.42 -13.51 -10.65
CA ILE F 157 2.61 -13.09 -11.39
C ILE F 157 3.27 -14.32 -11.98
N THR F 158 3.41 -14.34 -13.32
CA THR F 158 3.96 -15.49 -14.02
C THR F 158 5.35 -15.25 -14.58
N HIS F 159 5.79 -14.00 -14.68
CA HIS F 159 7.13 -13.72 -15.17
C HIS F 159 7.61 -12.39 -14.62
N VAL F 160 8.81 -12.38 -14.07
CA VAL F 160 9.47 -11.17 -13.61
C VAL F 160 10.78 -11.02 -14.37
N ASP F 161 10.98 -9.88 -15.00
CA ASP F 161 12.21 -9.58 -15.72
C ASP F 161 12.94 -8.49 -14.94
N THR F 162 14.06 -8.85 -14.32
CA THR F 162 14.82 -7.93 -13.49
C THR F 162 15.88 -7.17 -14.27
N GLU F 163 15.94 -7.36 -15.59
CA GLU F 163 16.87 -6.62 -16.45
C GLU F 163 16.21 -5.40 -17.08
N SER F 164 15.00 -5.54 -17.61
CA SER F 164 14.23 -4.41 -18.12
C SER F 164 13.13 -3.97 -17.17
N TYR F 165 13.00 -4.60 -16.01
CA TYR F 165 12.14 -4.16 -14.92
C TYR F 165 10.66 -4.10 -15.34
N PHE F 166 10.12 -5.28 -15.65
CA PHE F 166 8.69 -5.42 -15.87
C PHE F 166 8.24 -6.76 -15.31
N ILE F 167 6.93 -6.85 -15.03
CA ILE F 167 6.31 -8.07 -14.55
C ILE F 167 5.09 -8.36 -15.41
N VAL F 168 4.72 -9.63 -15.47
CA VAL F 168 3.56 -10.09 -16.23
C VAL F 168 2.57 -10.69 -15.26
N LEU F 169 1.35 -10.16 -15.23
CA LEU F 169 0.27 -10.70 -14.42
C LEU F 169 -0.68 -11.52 -15.26
N SER F 170 -1.24 -12.56 -14.65
CA SER F 170 -2.21 -13.44 -15.29
C SER F 170 -3.52 -13.34 -14.50
N ILE F 171 -4.48 -12.60 -15.04
CA ILE F 171 -5.74 -12.35 -14.36
C ILE F 171 -6.76 -13.39 -14.81
N ALA F 172 -7.43 -14.01 -13.84
CA ALA F 172 -8.48 -14.99 -14.09
C ALA F 172 -9.83 -14.36 -13.82
N TYR F 173 -10.73 -14.43 -14.79
CA TYR F 173 -12.05 -13.83 -14.70
C TYR F 173 -13.10 -14.91 -14.51
N PRO F 174 -13.85 -14.91 -13.41
CA PRO F 174 -14.87 -15.94 -13.22
C PRO F 174 -15.97 -15.83 -14.26
N THR F 175 -16.55 -16.98 -14.61
CA THR F 175 -17.70 -17.06 -15.48
C THR F 175 -18.88 -17.61 -14.68
N LEU F 176 -20.03 -16.94 -14.77
CA LEU F 176 -21.18 -17.24 -13.94
C LEU F 176 -22.30 -17.80 -14.79
N SER F 177 -22.93 -18.88 -14.31
CA SER F 177 -24.13 -19.44 -14.92
C SER F 177 -25.25 -19.40 -13.88
N GLU F 178 -26.38 -18.81 -14.26
CA GLU F 178 -27.52 -18.69 -13.37
C GLU F 178 -28.56 -19.75 -13.73
N ILE F 179 -28.98 -20.53 -12.74
CA ILE F 179 -30.05 -21.50 -12.92
C ILE F 179 -31.37 -20.79 -12.65
N LYS F 180 -32.20 -20.67 -13.68
CA LYS F 180 -33.42 -19.88 -13.59
C LYS F 180 -34.42 -20.54 -12.65
N GLY F 181 -35.03 -19.74 -11.78
CA GLY F 181 -36.09 -20.19 -10.91
C GLY F 181 -35.62 -20.65 -9.54
N VAL F 182 -34.33 -20.88 -9.35
CA VAL F 182 -33.83 -21.37 -8.07
C VAL F 182 -33.61 -20.20 -7.14
N ILE F 183 -34.20 -20.27 -5.95
CA ILE F 183 -34.09 -19.23 -4.93
C ILE F 183 -33.55 -19.88 -3.67
N VAL F 184 -32.52 -19.27 -3.08
CA VAL F 184 -31.86 -19.79 -1.90
C VAL F 184 -32.41 -19.08 -0.67
N HIS F 185 -32.87 -19.86 0.31
CA HIS F 185 -33.47 -19.34 1.52
C HIS F 185 -32.59 -19.69 2.71
N ARG F 186 -32.29 -18.69 3.54
CA ARG F 186 -31.53 -18.93 4.77
C ARG F 186 -32.49 -19.06 5.94
N LEU F 187 -32.33 -20.13 6.72
CA LEU F 187 -33.21 -20.43 7.84
C LEU F 187 -32.48 -20.16 9.15
N GLU F 188 -33.20 -19.62 10.13
CA GLU F 188 -32.66 -19.37 11.45
C GLU F 188 -33.68 -19.82 12.49
N GLY F 189 -33.21 -20.56 13.49
CA GLY F 189 -34.11 -21.12 14.47
C GLY F 189 -34.05 -20.48 15.83
N VAL F 190 -35.08 -20.71 16.64
CA VAL F 190 -35.15 -20.20 18.01
C VAL F 190 -36.04 -21.16 18.81
N SER F 191 -35.78 -21.25 20.10
CA SER F 191 -36.57 -22.12 20.94
C SER F 191 -37.97 -21.53 21.17
N TYR F 192 -38.93 -22.40 21.40
CA TYR F 192 -40.30 -22.00 21.63
C TYR F 192 -40.89 -22.83 22.76
N ASN F 193 -41.85 -22.26 23.46
CA ASN F 193 -42.50 -22.90 24.61
C ASN F 193 -43.93 -23.28 24.24
N ILE F 194 -44.30 -24.51 24.54
CA ILE F 194 -45.70 -24.95 24.47
C ILE F 194 -46.06 -25.44 25.88
N GLY F 195 -46.60 -24.55 26.68
CA GLY F 195 -46.84 -24.84 28.08
C GLY F 195 -45.64 -24.45 28.94
N SER F 196 -45.10 -25.41 29.69
CA SER F 196 -43.91 -25.20 30.50
C SER F 196 -42.68 -25.87 29.92
N GLN F 197 -42.77 -26.38 28.70
CA GLN F 197 -41.68 -27.12 28.07
C GLN F 197 -41.12 -26.34 26.89
N GLU F 198 -39.80 -26.31 26.80
CA GLU F 198 -39.09 -25.57 25.76
C GLU F 198 -38.59 -26.54 24.69
N TRP F 199 -38.92 -26.26 23.44
CA TRP F 199 -38.57 -27.13 22.32
C TRP F 199 -37.68 -26.39 21.34
N TYR F 200 -37.12 -27.14 20.39
CA TYR F 200 -36.23 -26.59 19.39
C TYR F 200 -36.30 -27.47 18.15
N THR F 201 -36.53 -26.84 17.00
CA THR F 201 -36.69 -27.56 15.74
C THR F 201 -35.38 -27.57 14.97
N THR F 202 -35.00 -28.73 14.47
CA THR F 202 -33.78 -28.88 13.69
C THR F 202 -34.10 -28.73 12.21
N VAL F 203 -33.54 -27.69 11.59
CA VAL F 203 -33.70 -27.46 10.16
C VAL F 203 -32.35 -27.10 9.56
N PRO F 204 -32.19 -27.31 8.25
CA PRO F 204 -30.95 -26.89 7.59
C PRO F 204 -30.79 -25.37 7.62
N LYS F 205 -29.54 -24.92 7.61
CA LYS F 205 -29.28 -23.49 7.59
C LYS F 205 -29.71 -22.86 6.27
N TYR F 206 -29.60 -23.60 5.17
CA TYR F 206 -29.98 -23.10 3.85
C TYR F 206 -30.86 -24.13 3.16
N VAL F 207 -31.87 -23.65 2.45
CA VAL F 207 -32.68 -24.47 1.56
C VAL F 207 -32.83 -23.72 0.25
N ALA F 208 -33.22 -24.45 -0.79
CA ALA F 208 -33.41 -23.88 -2.12
C ALA F 208 -34.75 -24.35 -2.68
N THR F 209 -35.43 -23.46 -3.39
CA THR F 209 -36.71 -23.78 -4.02
C THR F 209 -36.67 -23.43 -5.49
N GLN F 210 -37.38 -24.23 -6.28
CA GLN F 210 -37.55 -23.99 -7.72
C GLN F 210 -39.03 -24.20 -8.01
N GLY F 211 -39.81 -23.13 -7.91
CA GLY F 211 -41.24 -23.26 -8.02
C GLY F 211 -41.83 -23.99 -6.82
N TYR F 212 -42.31 -25.21 -7.05
CA TYR F 212 -42.85 -26.03 -5.98
C TYR F 212 -41.85 -27.04 -5.42
N LEU F 213 -40.68 -27.16 -6.03
CA LEU F 213 -39.67 -28.12 -5.61
C LEU F 213 -38.75 -27.51 -4.56
N ILE F 214 -38.33 -28.33 -3.61
CA ILE F 214 -37.45 -27.91 -2.52
C ILE F 214 -36.26 -28.84 -2.47
N SER F 215 -35.06 -28.28 -2.34
CA SER F 215 -33.85 -29.08 -2.21
C SER F 215 -32.98 -28.53 -1.09
N ASN F 216 -31.96 -29.30 -0.73
CA ASN F 216 -30.96 -28.86 0.22
C ASN F 216 -29.95 -27.94 -0.46
N PHE F 217 -29.15 -27.26 0.34
CA PHE F 217 -28.16 -26.32 -0.19
C PHE F 217 -26.93 -26.38 0.69
N ASP F 218 -25.77 -26.54 0.06
CA ASP F 218 -24.49 -26.64 0.75
C ASP F 218 -23.74 -25.33 0.59
N GLU F 219 -23.54 -24.63 1.69
CA GLU F 219 -22.95 -23.29 1.68
C GLU F 219 -21.44 -23.30 1.84
N SER F 220 -20.80 -24.47 1.70
CA SER F 220 -19.37 -24.57 1.97
C SER F 220 -18.55 -23.69 1.04
N SER F 221 -18.91 -23.68 -0.25
CA SER F 221 -18.16 -22.95 -1.26
C SER F 221 -18.96 -21.78 -1.84
N CYS F 222 -19.84 -21.19 -1.04
CA CYS F 222 -20.76 -20.17 -1.51
C CYS F 222 -20.65 -18.91 -0.66
N THR F 223 -21.06 -17.80 -1.25
CA THR F 223 -21.13 -16.51 -0.58
C THR F 223 -22.55 -16.00 -0.68
N PHE F 224 -23.24 -15.92 0.46
CA PHE F 224 -24.63 -15.50 0.49
C PHE F 224 -24.69 -13.97 0.48
N MET F 225 -25.35 -13.41 -0.53
CA MET F 225 -25.42 -11.98 -0.73
C MET F 225 -26.82 -11.60 -1.17
N PRO F 226 -27.25 -10.36 -0.92
CA PRO F 226 -28.61 -9.97 -1.31
C PRO F 226 -28.90 -10.11 -2.79
N GLU F 227 -27.94 -9.78 -3.65
CA GLU F 227 -28.17 -9.87 -5.09
C GLU F 227 -28.25 -11.33 -5.55
N GLY F 228 -27.43 -12.19 -4.96
CA GLY F 228 -27.45 -13.60 -5.32
C GLY F 228 -26.25 -14.33 -4.73
N THR F 229 -26.32 -15.66 -4.71
CA THR F 229 -25.24 -16.48 -4.17
C THR F 229 -24.33 -16.93 -5.31
N VAL F 230 -23.03 -16.70 -5.14
CA VAL F 230 -22.02 -17.12 -6.11
C VAL F 230 -21.28 -18.30 -5.49
N CYS F 231 -21.42 -19.47 -6.10
CA CYS F 231 -20.83 -20.70 -5.59
C CYS F 231 -19.74 -21.18 -6.53
N SER F 232 -18.56 -21.46 -5.96
CA SER F 232 -17.46 -21.96 -6.77
C SER F 232 -17.65 -23.42 -7.16
N GLN F 233 -18.42 -24.18 -6.39
CA GLN F 233 -18.74 -25.56 -6.69
C GLN F 233 -20.26 -25.73 -6.65
N ASN F 234 -20.72 -26.95 -6.84
CA ASN F 234 -22.14 -27.23 -6.75
C ASN F 234 -22.61 -27.19 -5.30
N ALA F 235 -23.83 -26.70 -5.11
CA ALA F 235 -24.42 -26.59 -3.78
C ALA F 235 -25.76 -27.29 -3.63
N LEU F 236 -26.36 -27.76 -4.72
CA LEU F 236 -27.72 -28.29 -4.70
C LEU F 236 -27.69 -29.81 -4.67
N TYR F 237 -28.34 -30.38 -3.66
CA TYR F 237 -28.61 -31.81 -3.61
C TYR F 237 -30.01 -32.02 -3.08
N PRO F 238 -30.67 -33.11 -3.47
CA PRO F 238 -32.10 -33.26 -3.17
C PRO F 238 -32.38 -33.44 -1.69
N MET F 239 -33.65 -33.22 -1.35
CA MET F 239 -34.15 -33.26 0.02
C MET F 239 -34.98 -34.53 0.22
N SER F 240 -34.94 -35.05 1.44
CA SER F 240 -35.70 -36.25 1.76
C SER F 240 -37.20 -35.94 1.80
N PRO F 241 -38.04 -36.94 1.55
CA PRO F 241 -39.49 -36.71 1.61
C PRO F 241 -39.98 -36.26 2.98
N LEU F 242 -39.32 -36.70 4.05
CA LEU F 242 -39.77 -36.32 5.39
C LEU F 242 -39.50 -34.84 5.66
N LEU F 243 -38.34 -34.33 5.23
CA LEU F 243 -38.03 -32.93 5.46
C LEU F 243 -38.83 -32.02 4.54
N GLN F 244 -39.23 -32.53 3.37
CA GLN F 244 -40.05 -31.74 2.46
C GLN F 244 -41.42 -31.44 3.08
N GLU F 245 -42.01 -32.43 3.76
CA GLU F 245 -43.30 -32.21 4.41
C GLU F 245 -43.18 -31.23 5.56
N CYS F 246 -42.05 -31.27 6.28
CA CYS F 246 -41.81 -30.31 7.35
C CYS F 246 -41.87 -28.88 6.83
N LEU F 247 -41.17 -28.61 5.73
CA LEU F 247 -41.10 -27.25 5.20
C LEU F 247 -42.36 -26.82 4.46
N ARG F 248 -43.20 -27.77 4.05
CA ARG F 248 -44.39 -27.46 3.28
C ARG F 248 -45.62 -27.22 4.15
N GLY F 249 -45.51 -27.37 5.46
CA GLY F 249 -46.62 -27.07 6.34
C GLY F 249 -46.88 -28.10 7.42
N SER F 250 -46.59 -29.36 7.13
CA SER F 250 -46.83 -30.46 8.07
C SER F 250 -45.73 -30.43 9.13
N THR F 251 -45.87 -29.49 10.07
CA THR F 251 -44.85 -29.28 11.08
C THR F 251 -44.73 -30.44 12.06
N LYS F 252 -45.71 -31.34 12.11
CA LYS F 252 -45.61 -32.51 12.99
C LYS F 252 -44.52 -33.47 12.52
N SER F 253 -44.16 -33.45 11.24
CA SER F 253 -43.09 -34.27 10.73
C SER F 253 -41.71 -33.72 11.06
N CYS F 254 -41.63 -32.48 11.54
CA CYS F 254 -40.34 -31.87 11.85
C CYS F 254 -39.73 -32.51 13.09
N ALA F 255 -38.40 -32.58 13.10
CA ALA F 255 -37.66 -33.13 14.23
C ALA F 255 -37.46 -32.04 15.27
N ARG F 256 -37.92 -32.30 16.51
CA ARG F 256 -37.86 -31.33 17.58
C ARG F 256 -36.98 -31.86 18.70
N THR F 257 -36.35 -30.93 19.42
CA THR F 257 -35.47 -31.26 20.54
C THR F 257 -36.03 -30.63 21.81
N LEU F 258 -36.24 -31.45 22.84
CA LEU F 258 -36.64 -30.94 24.14
C LEU F 258 -35.41 -30.42 24.87
N VAL F 259 -35.45 -29.16 25.28
CA VAL F 259 -34.32 -28.54 25.97
C VAL F 259 -34.41 -28.86 27.45
N SER F 260 -33.82 -29.99 27.85
CA SER F 260 -33.81 -30.44 29.24
C SER F 260 -32.36 -30.76 29.61
N GLY F 261 -31.79 -29.97 30.51
CA GLY F 261 -30.38 -30.08 30.83
C GLY F 261 -29.47 -29.39 29.84
N SER F 262 -30.03 -28.77 28.81
CA SER F 262 -29.26 -28.07 27.79
C SER F 262 -29.78 -26.66 27.64
N PHE F 263 -29.33 -25.95 26.61
CA PHE F 263 -29.84 -24.61 26.34
C PHE F 263 -29.62 -24.28 24.86
N GLY F 264 -30.46 -23.40 24.34
CA GLY F 264 -30.32 -22.87 23.01
C GLY F 264 -30.28 -21.36 23.04
N ASN F 265 -30.72 -20.76 21.94
CA ASN F 265 -30.86 -19.31 21.87
C ASN F 265 -32.33 -18.93 22.09
N ARG F 266 -32.52 -17.76 22.69
CA ARG F 266 -33.86 -17.27 22.96
C ARG F 266 -34.20 -16.01 22.18
N PHE F 267 -33.32 -15.55 21.29
CA PHE F 267 -33.62 -14.39 20.47
C PHE F 267 -32.86 -14.49 19.15
N ILE F 268 -33.44 -13.89 18.12
CA ILE F 268 -32.80 -13.73 16.81
C ILE F 268 -32.85 -12.26 16.44
N LEU F 269 -31.80 -11.76 15.81
CA LEU F 269 -31.77 -10.42 15.27
C LEU F 269 -31.69 -10.49 13.75
N SER F 270 -32.59 -9.79 13.08
CA SER F 270 -32.70 -9.90 11.62
C SER F 270 -33.12 -8.54 11.07
N GLN F 271 -32.17 -7.80 10.49
CA GLN F 271 -32.42 -6.53 9.82
C GLN F 271 -33.15 -5.54 10.72
N GLY F 272 -32.68 -5.43 11.97
CA GLY F 272 -33.28 -4.49 12.90
C GLY F 272 -34.59 -4.93 13.50
N ASN F 273 -35.00 -6.17 13.28
CA ASN F 273 -36.18 -6.74 13.89
C ASN F 273 -35.75 -7.91 14.78
N LEU F 274 -36.21 -7.92 16.02
CA LEU F 274 -35.82 -8.94 16.99
C LEU F 274 -36.94 -9.95 17.14
N ILE F 275 -36.62 -11.22 16.95
CA ILE F 275 -37.53 -12.33 17.21
C ILE F 275 -37.04 -13.03 18.46
N ALA F 276 -37.86 -13.05 19.50
CA ALA F 276 -37.44 -13.54 20.80
C ALA F 276 -38.48 -14.49 21.38
N ASN F 277 -38.02 -15.38 22.25
CA ASN F 277 -38.88 -16.29 23.00
C ASN F 277 -38.99 -15.74 24.42
N CYS F 278 -39.97 -14.86 24.63
CA CYS F 278 -40.14 -14.18 25.91
C CYS F 278 -41.09 -14.93 26.85
N ALA F 279 -41.22 -16.24 26.69
CA ALA F 279 -42.08 -17.04 27.54
C ALA F 279 -41.30 -17.56 28.73
N SER F 280 -41.87 -17.40 29.93
CA SER F 280 -41.31 -17.84 31.20
C SER F 280 -40.01 -17.14 31.57
N ILE F 281 -39.66 -16.05 30.90
CA ILE F 281 -38.51 -15.24 31.25
C ILE F 281 -38.94 -13.78 31.33
N LEU F 282 -37.98 -12.91 31.62
CA LEU F 282 -38.23 -11.48 31.79
C LEU F 282 -37.58 -10.72 30.63
N CYS F 283 -38.42 -10.16 29.76
CA CYS F 283 -37.97 -9.29 28.68
C CYS F 283 -38.34 -7.86 29.01
N LYS F 284 -37.38 -6.96 28.91
CA LYS F 284 -37.58 -5.57 29.30
C LYS F 284 -37.04 -4.65 28.22
N CYS F 285 -37.81 -3.60 27.91
CA CYS F 285 -37.36 -2.56 26.99
C CYS F 285 -36.50 -1.58 27.79
N TYR F 286 -35.18 -1.69 27.63
CA TYR F 286 -34.26 -0.94 28.47
C TYR F 286 -34.40 0.56 28.29
N THR F 287 -34.76 1.00 27.09
CA THR F 287 -34.89 2.44 26.84
C THR F 287 -36.10 3.03 27.55
N THR F 288 -37.30 2.52 27.24
CA THR F 288 -38.51 3.03 27.87
C THR F 288 -38.66 2.55 29.31
N GLY F 289 -38.09 1.39 29.64
CA GLY F 289 -38.24 0.80 30.95
C GLY F 289 -39.42 -0.13 31.10
N THR F 290 -40.28 -0.23 30.09
CA THR F 290 -41.44 -1.09 30.18
C THR F 290 -41.04 -2.56 30.07
N ILE F 291 -41.91 -3.42 30.60
CA ILE F 291 -41.72 -4.86 30.51
C ILE F 291 -42.39 -5.35 29.24
N ILE F 292 -41.63 -6.04 28.39
CA ILE F 292 -42.17 -6.64 27.18
C ILE F 292 -42.91 -7.91 27.58
N ASN F 293 -44.23 -7.86 27.57
CA ASN F 293 -45.07 -8.96 27.99
C ASN F 293 -45.58 -9.72 26.77
N GLN F 294 -45.34 -11.02 26.73
CA GLN F 294 -45.71 -11.84 25.60
C GLN F 294 -47.11 -12.41 25.80
N ASP F 295 -47.96 -12.25 24.79
CA ASP F 295 -49.28 -12.83 24.83
C ASP F 295 -49.18 -14.35 24.78
N PRO F 296 -49.83 -15.08 25.70
CA PRO F 296 -49.66 -16.54 25.73
C PRO F 296 -50.06 -17.24 24.45
N ASP F 297 -51.04 -16.71 23.71
CA ASP F 297 -51.45 -17.35 22.47
C ASP F 297 -50.32 -17.33 21.44
N LYS F 298 -49.60 -16.21 21.34
CA LYS F 298 -48.52 -16.10 20.38
C LYS F 298 -47.31 -16.91 20.82
N ILE F 299 -46.58 -17.45 19.84
CA ILE F 299 -45.41 -18.28 20.13
C ILE F 299 -44.16 -17.43 20.30
N LEU F 300 -43.87 -16.56 19.34
CA LEU F 300 -42.67 -15.75 19.35
C LEU F 300 -43.05 -14.28 19.42
N THR F 301 -42.13 -13.47 19.94
CA THR F 301 -42.32 -12.04 20.09
C THR F 301 -41.47 -11.31 19.06
N TYR F 302 -42.08 -10.37 18.35
CA TYR F 302 -41.39 -9.56 17.35
C TYR F 302 -41.28 -8.14 17.88
N ILE F 303 -40.06 -7.62 17.94
CA ILE F 303 -39.78 -6.27 18.42
C ILE F 303 -39.04 -5.52 17.32
N ALA F 304 -39.56 -4.35 16.96
CA ALA F 304 -38.94 -3.50 15.96
C ALA F 304 -37.98 -2.53 16.61
N ALA F 305 -37.04 -2.02 15.80
CA ALA F 305 -36.02 -1.12 16.31
C ALA F 305 -36.61 0.19 16.81
N ASP F 306 -37.60 0.73 16.11
CA ASP F 306 -38.15 2.03 16.50
C ASP F 306 -38.86 1.97 17.85
N HIS F 307 -39.66 0.91 18.08
CA HIS F 307 -40.36 0.79 19.35
C HIS F 307 -39.40 0.62 20.51
N CYS F 308 -38.37 -0.21 20.35
CA CYS F 308 -37.35 -0.42 21.36
C CYS F 308 -35.99 -0.56 20.70
N PRO F 309 -35.09 0.42 20.86
CA PRO F 309 -33.76 0.30 20.25
C PRO F 309 -32.82 -0.59 21.04
N VAL F 310 -33.04 -0.69 22.35
CA VAL F 310 -32.24 -1.56 23.22
C VAL F 310 -33.21 -2.42 24.03
N VAL F 311 -32.98 -3.73 24.00
CA VAL F 311 -33.88 -4.70 24.62
C VAL F 311 -33.06 -5.63 25.51
N GLU F 312 -33.61 -5.96 26.68
CA GLU F 312 -33.03 -6.95 27.58
C GLU F 312 -33.86 -8.22 27.53
N VAL F 313 -33.22 -9.34 27.18
CA VAL F 313 -33.88 -10.64 27.11
C VAL F 313 -33.10 -11.60 27.99
N ASN F 314 -33.76 -12.11 29.02
CA ASN F 314 -33.15 -13.07 29.95
C ASN F 314 -31.87 -12.50 30.58
N GLY F 315 -31.87 -11.19 30.84
CA GLY F 315 -30.71 -10.53 31.39
C GLY F 315 -29.65 -10.13 30.40
N VAL F 316 -29.87 -10.40 29.11
CA VAL F 316 -28.89 -10.07 28.08
C VAL F 316 -29.35 -8.79 27.38
N THR F 317 -28.49 -7.78 27.39
CA THR F 317 -28.79 -6.52 26.72
C THR F 317 -28.48 -6.63 25.24
N ILE F 318 -29.50 -6.38 24.40
CA ILE F 318 -29.39 -6.51 22.95
C ILE F 318 -29.64 -5.16 22.33
N GLN F 319 -28.79 -4.77 21.39
CA GLN F 319 -28.93 -3.50 20.68
C GLN F 319 -29.67 -3.76 19.37
N VAL F 320 -30.91 -3.28 19.29
CA VAL F 320 -31.73 -3.50 18.10
C VAL F 320 -31.61 -2.33 17.13
N GLY F 321 -31.59 -1.10 17.63
CA GLY F 321 -31.40 0.06 16.78
C GLY F 321 -29.94 0.32 16.47
N SER F 322 -29.70 1.01 15.37
CA SER F 322 -28.35 1.31 14.91
C SER F 322 -27.97 2.73 15.31
N ARG F 323 -26.86 2.85 16.04
CA ARG F 323 -26.38 4.14 16.49
C ARG F 323 -25.57 4.81 15.38
N ARG F 324 -25.77 6.11 15.22
CA ARG F 324 -25.07 6.90 14.22
C ARG F 324 -24.10 7.85 14.92
N TYR F 325 -22.86 7.87 14.45
CA TYR F 325 -21.85 8.73 15.04
C TYR F 325 -21.65 9.97 14.18
N PRO F 326 -21.26 11.09 14.80
CA PRO F 326 -21.03 12.32 14.02
C PRO F 326 -19.96 12.13 12.97
N ASP F 327 -20.13 12.81 11.85
CA ASP F 327 -19.22 12.68 10.73
C ASP F 327 -17.84 13.20 11.08
N ALA F 328 -16.83 12.62 10.44
CA ALA F 328 -15.44 13.05 10.59
C ALA F 328 -14.87 13.37 9.21
N VAL F 329 -13.92 14.30 9.19
CA VAL F 329 -13.32 14.77 7.95
C VAL F 329 -11.81 14.69 8.07
N TYR F 330 -11.16 14.18 7.03
CA TYR F 330 -9.71 14.13 6.96
C TYR F 330 -9.22 15.25 6.04
N LEU F 331 -8.43 16.15 6.59
CA LEU F 331 -8.04 17.38 5.91
C LEU F 331 -6.53 17.54 5.90
N HIS F 332 -6.07 18.44 5.05
CA HIS F 332 -4.68 18.89 5.05
C HIS F 332 -4.63 20.30 4.48
N ARG F 333 -3.74 21.12 5.02
CA ARG F 333 -3.53 22.48 4.54
C ARG F 333 -2.05 22.68 4.29
N ILE F 334 -1.71 23.13 3.08
CA ILE F 334 -0.33 23.37 2.69
C ILE F 334 -0.15 24.88 2.55
N ASP F 335 0.80 25.44 3.29
CA ASP F 335 1.14 26.85 3.21
C ASP F 335 2.58 26.96 2.73
N LEU F 336 2.79 27.73 1.66
CA LEU F 336 4.10 27.91 1.08
C LEU F 336 4.39 29.39 0.90
N GLY F 337 5.62 29.70 0.49
CA GLY F 337 6.04 31.06 0.31
C GLY F 337 6.40 31.38 -1.12
N PRO F 338 6.14 32.61 -1.56
CA PRO F 338 6.52 33.00 -2.90
C PRO F 338 8.02 32.96 -3.06
N PRO F 339 8.52 32.67 -4.27
CA PRO F 339 9.96 32.63 -4.48
C PRO F 339 10.58 34.00 -4.37
N ILE F 340 11.92 34.01 -4.33
CA ILE F 340 12.64 35.27 -4.20
C ILE F 340 12.38 36.14 -5.44
N SER F 341 12.45 37.45 -5.25
CA SER F 341 12.22 38.42 -6.31
C SER F 341 13.43 39.36 -6.36
N LEU F 342 14.41 39.02 -7.19
CA LEU F 342 15.59 39.84 -7.35
C LEU F 342 15.34 40.93 -8.37
N GLY F 343 15.51 42.18 -7.96
CA GLY F 343 15.30 43.31 -8.84
C GLY F 343 16.51 43.59 -9.72
N ARG F 344 16.36 44.61 -10.56
CA ARG F 344 17.44 45.01 -11.45
C ARG F 344 18.58 45.62 -10.65
N LEU F 345 19.79 45.50 -11.21
CA LEU F 345 20.98 45.95 -10.49
C LEU F 345 20.99 47.47 -10.36
N ASP F 346 20.68 48.18 -11.47
CA ASP F 346 20.45 49.62 -11.47
C ASP F 346 21.65 50.40 -10.95
N VAL F 347 22.74 50.34 -11.73
CA VAL F 347 23.92 51.14 -11.45
C VAL F 347 24.16 52.20 -12.52
N GLY F 348 23.15 52.44 -13.38
CA GLY F 348 23.31 53.37 -14.48
C GLY F 348 23.44 54.83 -14.08
N THR F 349 23.10 55.17 -12.83
CA THR F 349 23.19 56.55 -12.40
C THR F 349 24.65 57.01 -12.28
N ASN F 350 25.53 56.14 -11.78
CA ASN F 350 26.95 56.49 -11.70
C ASN F 350 27.61 56.45 -13.07
N LEU F 351 27.20 55.50 -13.91
CA LEU F 351 27.75 55.42 -15.26
C LEU F 351 27.39 56.65 -16.07
N GLY F 352 26.16 57.14 -15.92
CA GLY F 352 25.75 58.33 -16.67
C GLY F 352 26.55 59.55 -16.32
N ASN F 353 26.85 59.75 -15.03
CA ASN F 353 27.65 60.89 -14.62
C ASN F 353 29.06 60.83 -15.20
N ALA F 354 29.68 59.65 -15.16
CA ALA F 354 31.00 59.49 -15.76
C ALA F 354 30.95 59.73 -17.26
N ILE F 355 29.89 59.25 -17.92
CA ILE F 355 29.71 59.52 -19.34
C ILE F 355 29.55 61.02 -19.57
N ALA F 356 28.76 61.69 -18.73
CA ALA F 356 28.59 63.13 -18.85
C ALA F 356 29.91 63.87 -18.63
N LYS F 357 30.66 63.47 -17.60
CA LYS F 357 31.95 64.11 -17.33
C LYS F 357 32.95 63.80 -18.43
N LEU F 358 32.91 62.58 -18.97
CA LEU F 358 33.82 62.24 -20.07
C LEU F 358 33.54 63.11 -21.30
N GLU F 359 32.27 63.32 -21.62
CA GLU F 359 31.92 64.18 -22.75
C GLU F 359 32.27 65.64 -22.47
N ASP F 360 32.21 66.05 -21.20
CA ASP F 360 32.53 67.43 -20.85
C ASP F 360 33.98 67.76 -21.22
N ALA F 361 34.93 66.93 -20.77
CA ALA F 361 36.32 67.17 -21.09
C ALA F 361 36.65 66.82 -22.54
N LYS F 362 35.85 65.97 -23.18
CA LYS F 362 36.09 65.61 -24.57
C LYS F 362 35.99 66.84 -25.47
N GLU F 363 34.92 67.63 -25.31
CA GLU F 363 34.79 68.86 -26.07
C GLU F 363 35.67 69.98 -25.51
N LEU F 364 35.88 70.01 -24.19
CA LEU F 364 36.71 71.05 -23.60
C LEU F 364 38.15 70.95 -24.06
N LEU F 365 38.71 69.74 -24.08
CA LEU F 365 40.08 69.55 -24.54
C LEU F 365 40.21 69.84 -26.02
N GLU F 366 39.25 69.38 -26.82
CA GLU F 366 39.33 69.59 -28.27
C GLU F 366 39.22 71.07 -28.61
N SER F 367 38.32 71.80 -27.94
CA SER F 367 38.18 73.23 -28.20
C SER F 367 39.45 73.97 -27.82
N SER F 368 40.06 73.62 -26.68
CA SER F 368 41.33 74.23 -26.31
C SER F 368 42.45 73.81 -27.25
N ASP F 369 42.35 72.60 -27.80
CA ASP F 369 43.38 72.13 -28.73
C ASP F 369 43.40 72.96 -30.01
N GLN F 370 42.27 73.57 -30.38
CA GLN F 370 42.25 74.44 -31.55
C GLN F 370 43.09 75.69 -31.34
N ILE F 371 43.22 76.14 -30.09
CA ILE F 371 44.06 77.31 -29.81
C ILE F 371 45.50 77.03 -30.18
N LEU F 372 45.97 75.82 -29.91
CA LEU F 372 47.32 75.41 -30.29
C LEU F 372 47.45 75.34 -31.82
#